data_2Y7J
#
_entry.id   2Y7J
#
_cell.length_a   87.790
_cell.length_b   91.420
_cell.length_c   164.480
_cell.angle_alpha   90.00
_cell.angle_beta   90.00
_cell.angle_gamma   90.00
#
_symmetry.space_group_name_H-M   'P 21 21 21'
#
loop_
_entity.id
_entity.type
_entity.pdbx_description
1 polymer 'PHOSPHORYLASE B KINASE GAMMA CATALYTIC CHAIN, TESTIS/LIVER ISOFORM'
2 non-polymer 'N-[2-(diethylamino)ethyl]-5-[(Z)-(5-fluoro-2-oxo-1,2-dihydro-3H-indol-3-ylidene)methyl]-2,4-dimethyl-1H-pyrrole-3-carbo xamide'
3 water water
#
_entity_poly.entity_id   1
_entity_poly.type   'polypeptide(L)'
_entity_poly.pdbx_seq_one_letter_code
;MHHHHHHSSGVDNKFNKERRRARREIRHLPNLNREQRRAFIRSLRDDPSQSANLLAEAKKLNDAQPKGTENLYFQSMGPE
DELPDWAAAKEFYQKYDPKDVIGRGVSSVVRRCVHRATGHEFAVKIMEVTAERLSPEQLEEVREATRRETHILRQVAGHP
HIITLIDSYESSSFMFLVFDLMRKGELFDYLTEKVALSEKETRSIMRSLLEAVSFLHANNIVHRDLKPENILLDDNMQIR
LSDFGFSCHLEPGEKLRELCGTPGYLAPEILKCSMDETHPGYGKEVDLWACGVILFTLLAGSPPFWHRRQILMLRMIMEG
QYQFSSPEWDDRSSTVKDLISRLLQVDPEARLTAEQALQHPFFER
;
_entity_poly.pdbx_strand_id   A,B,C,D
#
loop_
_chem_comp.id
_chem_comp.type
_chem_comp.name
_chem_comp.formula
B49 non-polymer 'N-[2-(diethylamino)ethyl]-5-[(Z)-(5-fluoro-2-oxo-1,2-dihydro-3H-indol-3-ylidene)methyl]-2,4-dimethyl-1H-pyrrole-3-carbo xamide' 'C22 H27 F N4 O2'
#
# COMPACT_ATOMS: atom_id res chain seq x y z
N GLU A 82 -4.59 -20.26 -37.17
CA GLU A 82 -4.69 -18.97 -36.49
C GLU A 82 -3.59 -17.98 -36.96
N LEU A 83 -3.79 -16.67 -36.71
CA LEU A 83 -2.93 -15.62 -37.23
C LEU A 83 -1.55 -15.48 -36.55
N PRO A 84 -0.49 -15.08 -37.33
CA PRO A 84 0.79 -14.71 -36.69
C PRO A 84 0.55 -13.44 -35.89
N ASP A 85 1.33 -13.19 -34.80
CA ASP A 85 1.16 -12.00 -33.95
C ASP A 85 1.15 -10.71 -34.73
N TRP A 86 2.04 -10.57 -35.72
CA TRP A 86 2.11 -9.32 -36.49
C TRP A 86 0.80 -9.05 -37.24
N ALA A 87 0.08 -10.11 -37.71
CA ALA A 87 -1.17 -10.00 -38.48
C ALA A 87 -2.33 -9.56 -37.58
N ALA A 88 -2.49 -10.18 -36.38
CA ALA A 88 -3.54 -9.79 -35.43
C ALA A 88 -3.38 -8.32 -34.98
N ALA A 89 -2.14 -7.92 -34.68
CA ALA A 89 -1.79 -6.55 -34.29
C ALA A 89 -2.05 -5.58 -35.45
N LYS A 90 -1.55 -5.93 -36.69
CA LYS A 90 -1.75 -5.09 -37.88
C LYS A 90 -3.24 -4.84 -38.16
N GLU A 91 -4.05 -5.94 -38.21
CA GLU A 91 -5.48 -5.93 -38.50
C GLU A 91 -6.24 -5.14 -37.48
N PHE A 92 -5.92 -5.31 -36.19
CA PHE A 92 -6.59 -4.53 -35.15
C PHE A 92 -6.26 -3.02 -35.24
N TYR A 93 -4.96 -2.65 -35.22
CA TYR A 93 -4.52 -1.25 -35.22
C TYR A 93 -4.81 -0.53 -36.53
N GLN A 94 -5.02 -1.25 -37.63
CA GLN A 94 -5.35 -0.63 -38.89
C GLN A 94 -6.82 -0.20 -38.88
N LYS A 95 -7.71 -1.02 -38.29
CA LYS A 95 -9.15 -0.78 -38.27
C LYS A 95 -9.57 0.10 -37.08
N TYR A 96 -8.90 -0.09 -35.93
CA TYR A 96 -9.26 0.58 -34.69
C TYR A 96 -8.17 1.43 -34.08
N ASP A 97 -8.61 2.54 -33.48
CA ASP A 97 -7.75 3.47 -32.76
C ASP A 97 -8.03 3.32 -31.25
N PRO A 98 -7.15 2.65 -30.48
CA PRO A 98 -7.39 2.52 -29.03
C PRO A 98 -7.22 3.88 -28.28
N LYS A 99 -8.11 4.15 -27.33
CA LYS A 99 -8.17 5.40 -26.56
C LYS A 99 -7.93 5.14 -25.09
N ASP A 100 -8.67 5.84 -24.22
CA ASP A 100 -8.53 5.75 -22.78
C ASP A 100 -8.87 4.38 -22.21
N VAL A 101 -8.11 4.00 -21.18
CA VAL A 101 -8.27 2.78 -20.37
C VAL A 101 -9.52 2.96 -19.51
N ILE A 102 -10.51 2.05 -19.64
CA ILE A 102 -11.75 2.09 -18.87
C ILE A 102 -11.83 0.93 -17.87
N GLY A 103 -10.85 0.00 -17.94
CA GLY A 103 -10.72 -1.16 -17.05
C GLY A 103 -9.39 -1.89 -17.18
N ARG A 104 -8.92 -2.47 -16.07
N ARG A 104 -8.91 -2.47 -16.09
CA ARG A 104 -7.67 -3.22 -15.93
CA ARG A 104 -7.66 -3.26 -16.06
C ARG A 104 -7.93 -4.63 -15.39
C ARG A 104 -7.90 -4.62 -15.40
N GLY A 105 -7.10 -5.59 -15.81
CA GLY A 105 -7.15 -6.98 -15.31
C GLY A 105 -5.73 -7.46 -15.12
N VAL A 106 -5.55 -8.71 -14.67
CA VAL A 106 -4.22 -9.28 -14.44
C VAL A 106 -3.41 -9.28 -15.76
N SER A 107 -3.91 -9.97 -16.79
CA SER A 107 -3.24 -10.09 -18.09
C SER A 107 -4.09 -9.42 -19.20
N SER A 108 -4.84 -8.36 -18.83
CA SER A 108 -5.67 -7.63 -19.79
C SER A 108 -5.93 -6.19 -19.39
N VAL A 109 -6.33 -5.41 -20.39
CA VAL A 109 -6.74 -4.02 -20.26
C VAL A 109 -7.97 -3.81 -21.14
N VAL A 110 -8.92 -3.01 -20.66
CA VAL A 110 -10.11 -2.66 -21.44
C VAL A 110 -10.00 -1.19 -21.79
N ARG A 111 -10.04 -0.88 -23.08
CA ARG A 111 -9.91 0.49 -23.57
C ARG A 111 -11.06 0.84 -24.49
N ARG A 112 -11.42 2.13 -24.49
CA ARG A 112 -12.37 2.64 -25.47
C ARG A 112 -11.58 2.67 -26.77
N CYS A 113 -12.21 2.37 -27.90
CA CYS A 113 -11.53 2.42 -29.19
C CYS A 113 -12.47 2.94 -30.23
N VAL A 114 -11.90 3.58 -31.25
CA VAL A 114 -12.66 4.21 -32.32
C VAL A 114 -12.36 3.49 -33.64
N HIS A 115 -13.43 3.14 -34.37
CA HIS A 115 -13.34 2.56 -35.70
C HIS A 115 -12.94 3.71 -36.61
N ARG A 116 -11.67 3.71 -37.06
CA ARG A 116 -11.02 4.78 -37.82
C ARG A 116 -11.85 5.34 -38.96
N ALA A 117 -12.44 4.48 -39.82
CA ALA A 117 -13.19 4.90 -41.01
C ALA A 117 -14.50 5.58 -40.71
N THR A 118 -15.18 5.26 -39.58
CA THR A 118 -16.50 5.81 -39.25
C THR A 118 -16.52 6.76 -38.09
N GLY A 119 -15.56 6.62 -37.17
CA GLY A 119 -15.50 7.42 -35.97
C GLY A 119 -16.38 6.88 -34.85
N HIS A 120 -16.96 5.67 -35.07
CA HIS A 120 -17.83 4.98 -34.13
C HIS A 120 -17.03 4.32 -33.05
N GLU A 121 -17.59 4.30 -31.84
CA GLU A 121 -16.88 3.86 -30.64
C GLU A 121 -17.28 2.48 -30.14
N PHE A 122 -16.27 1.80 -29.61
CA PHE A 122 -16.38 0.48 -29.06
C PHE A 122 -15.48 0.37 -27.83
N ALA A 123 -15.38 -0.82 -27.28
CA ALA A 123 -14.51 -1.17 -26.17
C ALA A 123 -13.70 -2.35 -26.64
N VAL A 124 -12.39 -2.35 -26.38
CA VAL A 124 -11.52 -3.47 -26.75
C VAL A 124 -10.86 -4.01 -25.49
N LYS A 125 -10.93 -5.34 -25.34
CA LYS A 125 -10.24 -6.07 -24.30
C LYS A 125 -9.02 -6.68 -24.98
N ILE A 126 -7.82 -6.29 -24.54
CA ILE A 126 -6.57 -6.81 -25.07
C ILE A 126 -6.03 -7.78 -24.03
N MET A 127 -6.12 -9.09 -24.34
CA MET A 127 -5.64 -10.16 -23.49
C MET A 127 -4.24 -10.54 -23.87
N GLU A 128 -3.37 -10.40 -22.89
CA GLU A 128 -1.96 -10.66 -22.99
C GLU A 128 -1.67 -12.04 -22.41
N VAL A 129 -1.93 -13.07 -23.23
CA VAL A 129 -1.77 -14.50 -22.93
C VAL A 129 -0.38 -14.84 -22.33
N THR A 130 0.69 -14.17 -22.80
CA THR A 130 2.05 -14.47 -22.35
C THR A 130 2.62 -13.43 -21.36
N ALA A 131 1.77 -12.51 -20.83
CA ALA A 131 2.18 -11.43 -19.91
C ALA A 131 2.71 -11.93 -18.55
N GLU A 132 2.24 -13.10 -18.11
CA GLU A 132 2.67 -13.74 -16.85
C GLU A 132 3.67 -14.85 -17.16
N ARG A 133 4.68 -15.06 -16.29
CA ARG A 133 5.62 -16.17 -16.50
C ARG A 133 4.94 -17.44 -16.00
N LEU A 134 4.65 -18.39 -16.91
CA LEU A 134 3.97 -19.64 -16.56
C LEU A 134 4.59 -20.85 -17.27
N SER A 135 4.40 -22.08 -16.71
CA SER A 135 4.85 -23.35 -17.28
C SER A 135 4.18 -23.60 -18.65
N PRO A 136 4.74 -24.43 -19.57
CA PRO A 136 4.08 -24.63 -20.88
C PRO A 136 2.67 -25.23 -20.77
N GLU A 137 2.44 -26.04 -19.70
CA GLU A 137 1.14 -26.66 -19.39
C GLU A 137 0.13 -25.61 -18.95
N GLN A 138 0.52 -24.72 -18.00
CA GLN A 138 -0.32 -23.63 -17.49
C GLN A 138 -0.70 -22.63 -18.59
N LEU A 139 0.26 -22.35 -19.50
CA LEU A 139 0.08 -21.44 -20.62
C LEU A 139 -0.94 -22.00 -21.63
N GLU A 140 -0.98 -23.35 -21.83
CA GLU A 140 -1.97 -24.01 -22.70
C GLU A 140 -3.33 -24.04 -22.00
N GLU A 141 -3.34 -24.01 -20.64
CA GLU A 141 -4.57 -23.91 -19.85
C GLU A 141 -5.24 -22.55 -20.11
N VAL A 142 -4.42 -21.46 -20.14
CA VAL A 142 -4.81 -20.08 -20.39
C VAL A 142 -5.36 -19.97 -21.81
N ARG A 143 -4.69 -20.60 -22.77
CA ARG A 143 -5.09 -20.57 -24.18
C ARG A 143 -6.42 -21.28 -24.40
N GLU A 144 -6.58 -22.48 -23.78
CA GLU A 144 -7.80 -23.28 -23.88
C GLU A 144 -8.97 -22.56 -23.20
N ALA A 145 -8.69 -21.93 -22.03
CA ALA A 145 -9.63 -21.14 -21.25
C ALA A 145 -10.20 -19.97 -22.06
N THR A 146 -9.35 -19.23 -22.80
CA THR A 146 -9.76 -18.05 -23.57
C THR A 146 -10.52 -18.48 -24.82
N ARG A 147 -10.21 -19.67 -25.37
CA ARG A 147 -10.93 -20.25 -26.51
C ARG A 147 -12.36 -20.62 -26.07
N ARG A 148 -12.51 -21.20 -24.85
CA ARG A 148 -13.79 -21.56 -24.26
C ARG A 148 -14.67 -20.33 -24.15
N GLU A 149 -14.08 -19.21 -23.67
CA GLU A 149 -14.74 -17.93 -23.44
C GLU A 149 -15.21 -17.31 -24.75
N THR A 150 -14.33 -17.22 -25.77
CA THR A 150 -14.66 -16.59 -27.07
C THR A 150 -15.73 -17.39 -27.82
N HIS A 151 -15.70 -18.73 -27.70
CA HIS A 151 -16.70 -19.62 -28.29
C HIS A 151 -18.08 -19.31 -27.70
N ILE A 152 -18.18 -19.24 -26.36
CA ILE A 152 -19.41 -18.91 -25.63
C ILE A 152 -19.88 -17.50 -26.08
N LEU A 153 -18.97 -16.49 -26.13
CA LEU A 153 -19.27 -15.12 -26.56
C LEU A 153 -19.86 -15.05 -27.98
N ARG A 154 -19.40 -15.93 -28.89
CA ARG A 154 -19.93 -15.96 -30.25
C ARG A 154 -21.33 -16.57 -30.29
N GLN A 155 -21.61 -17.55 -29.41
CA GLN A 155 -22.92 -18.18 -29.33
C GLN A 155 -23.97 -17.21 -28.83
N VAL A 156 -23.60 -16.38 -27.85
CA VAL A 156 -24.52 -15.48 -27.17
C VAL A 156 -24.57 -14.09 -27.82
N ALA A 157 -23.67 -13.76 -28.75
CA ALA A 157 -23.70 -12.49 -29.48
C ALA A 157 -25.02 -12.35 -30.21
N GLY A 158 -25.71 -11.24 -29.97
CA GLY A 158 -27.02 -10.98 -30.55
C GLY A 158 -28.07 -10.70 -29.50
N HIS A 159 -27.95 -11.33 -28.32
CA HIS A 159 -28.86 -11.10 -27.20
C HIS A 159 -28.78 -9.65 -26.71
N PRO A 160 -29.95 -8.97 -26.56
CA PRO A 160 -29.95 -7.55 -26.17
C PRO A 160 -29.38 -7.25 -24.78
N HIS A 161 -29.31 -8.23 -23.88
CA HIS A 161 -28.81 -7.98 -22.54
C HIS A 161 -27.56 -8.81 -22.20
N ILE A 162 -26.79 -9.15 -23.23
CA ILE A 162 -25.50 -9.81 -23.11
C ILE A 162 -24.51 -8.98 -23.93
N ILE A 163 -23.28 -8.80 -23.41
CA ILE A 163 -22.24 -8.05 -24.15
C ILE A 163 -22.01 -8.71 -25.56
N THR A 164 -21.87 -7.87 -26.58
CA THR A 164 -21.70 -8.35 -27.96
C THR A 164 -20.27 -8.32 -28.37
N LEU A 165 -19.74 -9.47 -28.78
CA LEU A 165 -18.40 -9.55 -29.34
C LEU A 165 -18.55 -9.16 -30.80
N ILE A 166 -18.15 -7.93 -31.12
CA ILE A 166 -18.29 -7.33 -32.46
C ILE A 166 -17.22 -7.88 -33.40
N ASP A 167 -15.98 -8.06 -32.92
CA ASP A 167 -14.80 -8.44 -33.68
C ASP A 167 -13.72 -9.06 -32.77
N SER A 168 -12.84 -9.86 -33.36
CA SER A 168 -11.73 -10.48 -32.64
C SER A 168 -10.54 -10.70 -33.58
N TYR A 169 -9.34 -10.55 -33.03
CA TYR A 169 -8.09 -10.78 -33.72
C TYR A 169 -7.34 -11.65 -32.79
N GLU A 170 -7.21 -12.92 -33.21
CA GLU A 170 -6.61 -13.99 -32.40
C GLU A 170 -5.24 -14.47 -32.94
N SER A 171 -4.20 -14.34 -32.10
CA SER A 171 -2.85 -14.83 -32.41
C SER A 171 -2.37 -15.68 -31.24
N SER A 172 -1.15 -16.19 -31.30
CA SER A 172 -0.59 -17.00 -30.23
C SER A 172 -0.44 -16.22 -28.92
N SER A 173 0.13 -14.99 -28.99
CA SER A 173 0.47 -14.14 -27.86
C SER A 173 -0.70 -13.28 -27.37
N PHE A 174 -1.60 -12.86 -28.27
CA PHE A 174 -2.69 -12.02 -27.81
C PHE A 174 -3.97 -12.22 -28.52
N MET A 175 -4.97 -11.61 -27.90
CA MET A 175 -6.35 -11.59 -28.27
C MET A 175 -6.89 -10.19 -28.16
N PHE A 176 -7.37 -9.65 -29.29
CA PHE A 176 -8.02 -8.35 -29.30
C PHE A 176 -9.49 -8.61 -29.47
N LEU A 177 -10.28 -8.35 -28.42
CA LEU A 177 -11.72 -8.60 -28.43
C LEU A 177 -12.47 -7.29 -28.42
N VAL A 178 -13.19 -6.98 -29.52
CA VAL A 178 -13.93 -5.73 -29.66
C VAL A 178 -15.37 -5.97 -29.25
N PHE A 179 -15.90 -5.11 -28.35
CA PHE A 179 -17.25 -5.21 -27.81
C PHE A 179 -18.02 -3.92 -27.92
N ASP A 180 -19.28 -3.97 -27.42
CA ASP A 180 -20.09 -2.78 -27.21
C ASP A 180 -19.42 -1.90 -26.16
N LEU A 181 -19.45 -0.59 -26.34
CA LEU A 181 -18.97 0.35 -25.34
C LEU A 181 -20.16 0.66 -24.42
N MET A 182 -20.05 0.36 -23.12
CA MET A 182 -21.12 0.59 -22.15
C MET A 182 -20.71 1.78 -21.33
N ARG A 183 -21.20 2.95 -21.76
CA ARG A 183 -20.81 4.28 -21.30
C ARG A 183 -21.09 4.61 -19.82
N LYS A 184 -22.03 3.92 -19.15
CA LYS A 184 -22.28 4.18 -17.73
C LYS A 184 -21.53 3.17 -16.85
N GLY A 185 -20.65 2.37 -17.46
CA GLY A 185 -19.78 1.41 -16.80
C GLY A 185 -20.46 0.29 -16.07
N GLU A 186 -19.87 -0.11 -14.93
CA GLU A 186 -20.36 -1.20 -14.10
C GLU A 186 -21.52 -0.79 -13.21
N LEU A 187 -22.49 -1.69 -13.06
CA LEU A 187 -23.66 -1.54 -12.22
C LEU A 187 -23.21 -1.31 -10.77
N PHE A 188 -22.08 -1.96 -10.37
CA PHE A 188 -21.48 -1.85 -9.05
C PHE A 188 -21.17 -0.37 -8.71
N ASP A 189 -20.52 0.35 -9.64
CA ASP A 189 -20.12 1.75 -9.47
C ASP A 189 -21.35 2.66 -9.43
N TYR A 190 -22.40 2.30 -10.18
CA TYR A 190 -23.68 3.00 -10.17
C TYR A 190 -24.33 2.87 -8.79
N LEU A 191 -24.32 1.63 -8.23
CA LEU A 191 -24.87 1.32 -6.90
C LEU A 191 -24.11 2.08 -5.84
N THR A 192 -22.77 2.17 -5.95
CA THR A 192 -21.95 2.96 -5.00
C THR A 192 -22.43 4.42 -4.99
N GLU A 193 -22.59 5.03 -6.19
CA GLU A 193 -23.03 6.41 -6.36
C GLU A 193 -24.45 6.64 -5.79
N LYS A 194 -25.42 5.77 -6.15
CA LYS A 194 -26.80 5.91 -5.70
C LYS A 194 -27.04 5.35 -4.28
N VAL A 195 -26.09 4.59 -3.73
CA VAL A 195 -26.11 3.93 -2.41
C VAL A 195 -27.03 2.71 -2.46
N ALA A 196 -28.32 2.91 -2.81
CA ALA A 196 -29.37 1.89 -2.93
C ALA A 196 -30.33 2.28 -4.02
N LEU A 197 -30.86 1.32 -4.78
CA LEU A 197 -31.76 1.62 -5.89
C LEU A 197 -33.21 1.43 -5.52
N SER A 198 -34.10 2.05 -6.33
CA SER A 198 -35.54 1.95 -6.19
C SER A 198 -36.00 0.59 -6.73
N GLU A 199 -37.19 0.13 -6.29
CA GLU A 199 -37.77 -1.13 -6.81
C GLU A 199 -38.11 -1.00 -8.29
N LYS A 200 -38.47 0.20 -8.75
CA LYS A 200 -38.79 0.46 -10.17
C LYS A 200 -37.55 0.21 -11.04
N GLU A 201 -36.37 0.78 -10.65
CA GLU A 201 -35.10 0.65 -11.37
C GLU A 201 -34.51 -0.77 -11.21
N THR A 202 -34.68 -1.38 -10.02
CA THR A 202 -34.24 -2.74 -9.71
C THR A 202 -35.04 -3.74 -10.55
N ARG A 203 -36.36 -3.52 -10.72
CA ARG A 203 -37.24 -4.39 -11.52
C ARG A 203 -36.75 -4.49 -12.96
N SER A 204 -36.42 -3.34 -13.54
CA SER A 204 -35.95 -3.16 -14.91
C SER A 204 -34.62 -3.89 -15.12
N ILE A 205 -33.68 -3.76 -14.16
CA ILE A 205 -32.37 -4.41 -14.20
C ILE A 205 -32.53 -5.93 -14.02
N MET A 206 -33.32 -6.37 -13.02
CA MET A 206 -33.53 -7.77 -12.71
C MET A 206 -34.23 -8.52 -13.83
N ARG A 207 -35.26 -7.92 -14.43
CA ARG A 207 -35.97 -8.52 -15.57
C ARG A 207 -34.99 -8.83 -16.71
N SER A 208 -34.20 -7.81 -17.12
CA SER A 208 -33.19 -7.94 -18.17
C SER A 208 -32.14 -9.00 -17.82
N LEU A 209 -31.65 -9.02 -16.53
CA LEU A 209 -30.67 -9.99 -16.01
C LEU A 209 -31.18 -11.43 -16.10
N LEU A 210 -32.40 -11.68 -15.58
CA LEU A 210 -33.03 -13.01 -15.56
C LEU A 210 -33.37 -13.47 -16.96
N GLU A 211 -33.66 -12.54 -17.87
CA GLU A 211 -33.90 -12.89 -19.27
C GLU A 211 -32.60 -13.39 -19.88
N ALA A 212 -31.47 -12.72 -19.57
CA ALA A 212 -30.14 -13.09 -20.06
C ALA A 212 -29.74 -14.47 -19.49
N VAL A 213 -29.99 -14.68 -18.18
CA VAL A 213 -29.68 -15.94 -17.48
C VAL A 213 -30.54 -17.09 -18.09
N SER A 214 -31.84 -16.84 -18.34
CA SER A 214 -32.75 -17.81 -18.96
C SER A 214 -32.24 -18.24 -20.35
N PHE A 215 -31.73 -17.27 -21.12
CA PHE A 215 -31.17 -17.51 -22.45
C PHE A 215 -29.88 -18.38 -22.38
N LEU A 216 -28.96 -18.05 -21.48
CA LEU A 216 -27.72 -18.78 -21.27
C LEU A 216 -27.98 -20.28 -20.94
N HIS A 217 -28.88 -20.51 -19.96
CA HIS A 217 -29.27 -21.82 -19.45
C HIS A 217 -30.00 -22.62 -20.52
N ALA A 218 -30.82 -21.95 -21.39
CA ALA A 218 -31.54 -22.59 -22.51
C ALA A 218 -30.55 -23.10 -23.54
N ASN A 219 -29.39 -22.44 -23.62
CA ASN A 219 -28.27 -22.75 -24.50
C ASN A 219 -27.18 -23.54 -23.76
N ASN A 220 -27.52 -24.05 -22.57
CA ASN A 220 -26.70 -24.91 -21.71
C ASN A 220 -25.37 -24.28 -21.30
N ILE A 221 -25.42 -22.99 -20.96
CA ILE A 221 -24.29 -22.22 -20.46
C ILE A 221 -24.61 -21.75 -19.05
N VAL A 222 -23.62 -21.91 -18.13
CA VAL A 222 -23.70 -21.44 -16.75
C VAL A 222 -22.62 -20.35 -16.64
N HIS A 223 -23.00 -19.09 -16.25
CA HIS A 223 -22.12 -17.92 -16.13
C HIS A 223 -21.03 -18.11 -15.04
N ARG A 224 -21.44 -18.47 -13.84
CA ARG A 224 -20.61 -18.79 -12.66
C ARG A 224 -19.88 -17.60 -12.03
N ASP A 225 -20.32 -16.38 -12.31
CA ASP A 225 -19.73 -15.20 -11.66
C ASP A 225 -20.64 -13.99 -11.85
N LEU A 226 -21.95 -14.18 -11.63
CA LEU A 226 -22.92 -13.08 -11.73
C LEU A 226 -22.74 -12.18 -10.52
N LYS A 227 -22.57 -10.87 -10.76
CA LYS A 227 -22.41 -9.86 -9.71
C LYS A 227 -22.50 -8.45 -10.34
N PRO A 228 -22.77 -7.37 -9.55
CA PRO A 228 -22.90 -6.04 -10.15
C PRO A 228 -21.65 -5.55 -10.93
N GLU A 229 -20.47 -6.11 -10.65
CA GLU A 229 -19.22 -5.74 -11.34
C GLU A 229 -19.16 -6.29 -12.77
N ASN A 230 -19.93 -7.35 -13.05
CA ASN A 230 -20.00 -8.05 -14.34
C ASN A 230 -21.27 -7.68 -15.13
N ILE A 231 -22.00 -6.64 -14.66
CA ILE A 231 -23.21 -6.13 -15.31
C ILE A 231 -22.87 -4.72 -15.73
N LEU A 232 -22.97 -4.45 -17.03
CA LEU A 232 -22.61 -3.14 -17.58
C LEU A 232 -23.85 -2.35 -17.98
N LEU A 233 -23.77 -1.01 -17.93
CA LEU A 233 -24.87 -0.12 -18.26
C LEU A 233 -24.53 0.84 -19.36
N ASP A 234 -25.51 1.13 -20.21
CA ASP A 234 -25.40 2.15 -21.24
C ASP A 234 -26.17 3.38 -20.75
N ASP A 235 -26.13 4.48 -21.52
CA ASP A 235 -26.75 5.77 -21.17
C ASP A 235 -28.27 5.68 -20.95
N ASN A 236 -28.92 4.68 -21.58
CA ASN A 236 -30.35 4.41 -21.44
C ASN A 236 -30.67 3.57 -20.22
N MET A 237 -29.65 3.27 -19.40
CA MET A 237 -29.73 2.45 -18.18
C MET A 237 -30.11 1.00 -18.53
N GLN A 238 -29.73 0.55 -19.74
CA GLN A 238 -29.98 -0.81 -20.22
C GLN A 238 -28.77 -1.65 -19.89
N ILE A 239 -28.98 -2.89 -19.43
CA ILE A 239 -27.87 -3.75 -18.98
C ILE A 239 -27.42 -4.73 -20.06
N ARG A 240 -26.19 -5.21 -19.89
CA ARG A 240 -25.49 -6.22 -20.66
C ARG A 240 -24.64 -7.00 -19.72
N LEU A 241 -24.89 -8.30 -19.66
CA LEU A 241 -24.10 -9.23 -18.87
C LEU A 241 -22.75 -9.41 -19.53
N SER A 242 -21.69 -9.41 -18.74
CA SER A 242 -20.32 -9.53 -19.27
C SER A 242 -19.49 -10.49 -18.42
N ASP A 243 -18.17 -10.54 -18.68
CA ASP A 243 -17.16 -11.33 -17.93
C ASP A 243 -17.50 -12.82 -17.84
N PHE A 244 -17.39 -13.50 -18.99
CA PHE A 244 -17.70 -14.91 -19.21
C PHE A 244 -16.44 -15.81 -19.01
N GLY A 245 -15.44 -15.30 -18.28
CA GLY A 245 -14.20 -16.03 -17.98
C GLY A 245 -14.38 -17.30 -17.18
N PHE A 246 -15.47 -17.40 -16.41
CA PHE A 246 -15.76 -18.59 -15.58
C PHE A 246 -16.89 -19.44 -16.17
N SER A 247 -17.53 -18.95 -17.23
CA SER A 247 -18.63 -19.64 -17.93
C SER A 247 -18.19 -20.93 -18.53
N CYS A 248 -19.14 -21.85 -18.64
CA CYS A 248 -18.89 -23.11 -19.28
C CYS A 248 -20.19 -23.72 -19.80
N HIS A 249 -20.05 -24.66 -20.75
N HIS A 249 -20.05 -24.67 -20.74
CA HIS A 249 -21.14 -25.48 -21.25
CA HIS A 249 -21.15 -25.46 -21.24
C HIS A 249 -21.45 -26.49 -20.16
C HIS A 249 -21.45 -26.53 -20.20
N LEU A 250 -22.74 -26.76 -19.92
CA LEU A 250 -23.15 -27.76 -18.95
C LEU A 250 -24.26 -28.52 -19.62
N GLU A 251 -23.93 -29.72 -20.12
CA GLU A 251 -24.92 -30.59 -20.75
C GLU A 251 -26.06 -30.89 -19.74
N PRO A 252 -27.35 -30.94 -20.15
CA PRO A 252 -28.43 -31.06 -19.15
C PRO A 252 -28.31 -32.34 -18.34
N GLY A 253 -28.40 -32.14 -17.02
CA GLY A 253 -28.33 -33.18 -16.02
C GLY A 253 -26.93 -33.34 -15.47
N GLU A 254 -25.95 -32.70 -16.09
CA GLU A 254 -24.55 -32.81 -15.67
C GLU A 254 -24.24 -31.80 -14.54
N LYS A 255 -23.31 -32.16 -13.65
CA LYS A 255 -22.95 -31.39 -12.48
C LYS A 255 -21.49 -30.97 -12.51
N LEU A 256 -21.22 -29.82 -11.88
CA LEU A 256 -19.89 -29.22 -11.75
C LEU A 256 -19.41 -29.28 -10.30
N ARG A 257 -18.09 -29.15 -10.04
CA ARG A 257 -17.51 -29.13 -8.69
C ARG A 257 -16.57 -27.94 -8.49
N GLU A 258 -15.95 -27.41 -9.58
CA GLU A 258 -14.96 -26.32 -9.54
C GLU A 258 -15.45 -25.11 -8.76
N LEU A 259 -14.64 -24.70 -7.79
CA LEU A 259 -14.92 -23.51 -7.00
C LEU A 259 -14.31 -22.33 -7.71
N CYS A 260 -15.15 -21.44 -8.22
CA CYS A 260 -14.72 -20.23 -8.95
C CYS A 260 -15.86 -19.26 -8.92
N GLY A 261 -15.55 -18.01 -8.80
CA GLY A 261 -16.65 -17.08 -8.67
C GLY A 261 -16.46 -16.35 -7.37
N THR A 262 -17.16 -15.23 -7.21
CA THR A 262 -16.97 -14.34 -6.10
C THR A 262 -17.61 -14.92 -4.84
N PRO A 263 -16.81 -15.02 -3.73
CA PRO A 263 -17.33 -15.62 -2.51
C PRO A 263 -18.71 -15.13 -2.04
N GLY A 264 -18.94 -13.82 -2.06
CA GLY A 264 -20.21 -13.26 -1.60
C GLY A 264 -21.44 -13.72 -2.35
N TYR A 265 -21.22 -14.13 -3.62
CA TYR A 265 -22.27 -14.52 -4.56
C TYR A 265 -22.36 -16.07 -4.75
N LEU A 266 -21.50 -16.85 -4.06
CA LEU A 266 -21.49 -18.31 -4.18
C LEU A 266 -22.67 -18.98 -3.51
N ALA A 267 -23.29 -19.95 -4.21
CA ALA A 267 -24.44 -20.70 -3.72
C ALA A 267 -23.99 -21.68 -2.65
N PRO A 268 -24.88 -22.10 -1.70
CA PRO A 268 -24.42 -23.07 -0.67
C PRO A 268 -23.89 -24.39 -1.24
N GLU A 269 -24.50 -24.90 -2.32
CA GLU A 269 -24.09 -26.16 -2.93
C GLU A 269 -22.67 -26.12 -3.49
N ILE A 270 -22.15 -24.92 -3.89
CA ILE A 270 -20.76 -24.80 -4.37
C ILE A 270 -19.80 -25.03 -3.19
N LEU A 271 -20.10 -24.41 -2.06
CA LEU A 271 -19.29 -24.56 -0.85
C LEU A 271 -19.39 -25.98 -0.28
N LYS A 272 -20.62 -26.49 -0.12
CA LYS A 272 -20.90 -27.81 0.44
C LYS A 272 -20.13 -28.89 -0.28
N CYS A 273 -20.09 -28.81 -1.61
CA CYS A 273 -19.40 -29.85 -2.36
C CYS A 273 -17.87 -29.53 -2.49
N SER A 274 -17.44 -28.34 -2.02
CA SER A 274 -16.01 -28.01 -1.95
C SER A 274 -15.45 -28.33 -0.54
N MET A 275 -16.15 -29.19 0.21
CA MET A 275 -15.73 -29.62 1.54
C MET A 275 -16.25 -31.05 1.86
N ASP A 276 -17.29 -31.52 1.14
CA ASP A 276 -17.87 -32.87 1.22
C ASP A 276 -17.82 -33.47 -0.19
N GLU A 277 -16.85 -34.36 -0.43
CA GLU A 277 -16.60 -35.04 -1.71
C GLU A 277 -17.80 -35.91 -2.16
N THR A 278 -18.61 -36.42 -1.20
CA THR A 278 -19.76 -37.27 -1.51
C THR A 278 -20.94 -36.45 -2.06
N HIS A 279 -20.95 -35.11 -1.84
CA HIS A 279 -22.02 -34.24 -2.33
C HIS A 279 -22.06 -34.28 -3.88
N PRO A 280 -23.26 -34.43 -4.48
CA PRO A 280 -23.38 -34.60 -5.95
C PRO A 280 -22.88 -33.46 -6.87
N GLY A 281 -22.63 -32.26 -6.38
CA GLY A 281 -22.17 -31.21 -7.27
C GLY A 281 -23.20 -30.14 -7.55
N TYR A 282 -22.86 -29.15 -8.40
CA TYR A 282 -23.79 -28.06 -8.67
C TYR A 282 -24.13 -27.88 -10.17
N GLY A 283 -25.21 -27.17 -10.44
CA GLY A 283 -25.69 -26.90 -11.79
C GLY A 283 -25.93 -25.43 -12.08
N LYS A 284 -26.89 -25.14 -12.96
CA LYS A 284 -27.22 -23.78 -13.38
C LYS A 284 -27.95 -22.96 -12.30
N GLU A 285 -28.45 -23.63 -11.25
CA GLU A 285 -29.17 -23.02 -10.13
C GLU A 285 -28.28 -22.03 -9.34
N VAL A 286 -26.94 -22.17 -9.46
CA VAL A 286 -25.95 -21.33 -8.77
C VAL A 286 -26.05 -19.90 -9.26
N ASP A 287 -26.39 -19.71 -10.54
CA ASP A 287 -26.57 -18.39 -11.17
C ASP A 287 -27.76 -17.69 -10.60
N LEU A 288 -28.75 -18.45 -10.11
CA LEU A 288 -29.97 -17.89 -9.57
C LEU A 288 -29.87 -17.47 -8.13
N TRP A 289 -29.01 -18.16 -7.36
CA TRP A 289 -28.65 -17.79 -6.01
C TRP A 289 -27.98 -16.40 -6.10
N ALA A 290 -27.03 -16.27 -7.07
CA ALA A 290 -26.28 -15.05 -7.36
C ALA A 290 -27.22 -13.91 -7.71
N CYS A 291 -28.29 -14.19 -8.51
CA CYS A 291 -29.31 -13.22 -8.87
C CYS A 291 -30.03 -12.70 -7.61
N GLY A 292 -30.29 -13.61 -6.68
CA GLY A 292 -30.90 -13.32 -5.39
C GLY A 292 -30.03 -12.40 -4.56
N VAL A 293 -28.71 -12.65 -4.59
CA VAL A 293 -27.70 -11.84 -3.88
C VAL A 293 -27.65 -10.46 -4.53
N ILE A 294 -27.66 -10.38 -5.90
CA ILE A 294 -27.64 -9.12 -6.62
C ILE A 294 -28.87 -8.30 -6.22
N LEU A 295 -30.07 -8.88 -6.37
CA LEU A 295 -31.36 -8.26 -6.04
C LEU A 295 -31.36 -7.66 -4.63
N PHE A 296 -30.93 -8.42 -3.63
CA PHE A 296 -30.83 -7.97 -2.23
C PHE A 296 -29.91 -6.74 -2.12
N THR A 297 -28.69 -6.85 -2.69
CA THR A 297 -27.64 -5.83 -2.64
C THR A 297 -28.09 -4.53 -3.32
N LEU A 298 -28.80 -4.61 -4.46
CA LEU A 298 -29.27 -3.39 -5.18
C LEU A 298 -30.21 -2.57 -4.32
N LEU A 299 -31.11 -3.26 -3.61
CA LEU A 299 -32.10 -2.63 -2.74
C LEU A 299 -31.51 -2.19 -1.40
N ALA A 300 -30.72 -3.06 -0.73
CA ALA A 300 -30.16 -2.74 0.60
C ALA A 300 -28.93 -1.81 0.54
N GLY A 301 -28.14 -1.92 -0.54
CA GLY A 301 -26.90 -1.19 -0.71
C GLY A 301 -25.75 -1.88 -0.02
N SER A 302 -26.02 -3.09 0.53
CA SER A 302 -25.09 -3.96 1.25
C SER A 302 -25.46 -5.42 0.97
N PRO A 303 -24.49 -6.38 1.01
CA PRO A 303 -24.81 -7.77 0.65
C PRO A 303 -25.54 -8.53 1.77
N PRO A 304 -26.31 -9.60 1.43
CA PRO A 304 -27.01 -10.36 2.49
C PRO A 304 -26.04 -11.15 3.39
N PHE A 305 -24.86 -11.55 2.86
CA PHE A 305 -23.86 -12.30 3.62
C PHE A 305 -22.54 -11.54 3.63
N TRP A 306 -22.06 -11.16 4.82
CA TRP A 306 -20.80 -10.46 4.99
C TRP A 306 -20.30 -10.62 6.41
N HIS A 307 -18.97 -10.65 6.55
CA HIS A 307 -18.22 -10.73 7.79
C HIS A 307 -16.80 -10.28 7.52
N ARG A 308 -16.14 -9.69 8.53
CA ARG A 308 -14.72 -9.28 8.47
C ARG A 308 -13.89 -10.49 8.00
N ARG A 309 -14.16 -11.67 8.60
CA ARG A 309 -13.54 -12.96 8.30
C ARG A 309 -14.39 -13.72 7.28
N GLN A 310 -13.80 -13.95 6.07
CA GLN A 310 -14.42 -14.60 4.90
C GLN A 310 -14.98 -15.97 5.23
N ILE A 311 -14.31 -16.73 6.09
CA ILE A 311 -14.71 -18.08 6.50
C ILE A 311 -16.05 -18.06 7.27
N LEU A 312 -16.31 -17.01 8.06
CA LEU A 312 -17.57 -16.90 8.81
C LEU A 312 -18.71 -16.47 7.88
N MET A 313 -18.38 -15.79 6.78
CA MET A 313 -19.34 -15.44 5.73
C MET A 313 -19.85 -16.71 5.03
N LEU A 314 -18.97 -17.73 4.85
CA LEU A 314 -19.26 -19.01 4.22
C LEU A 314 -20.28 -19.81 5.01
N ARG A 315 -20.21 -19.76 6.35
CA ARG A 315 -21.13 -20.39 7.28
C ARG A 315 -22.53 -19.78 7.13
N MET A 316 -22.58 -18.46 6.95
CA MET A 316 -23.81 -17.72 6.79
C MET A 316 -24.48 -18.12 5.44
N ILE A 317 -23.67 -18.27 4.37
CA ILE A 317 -24.12 -18.67 3.03
C ILE A 317 -24.70 -20.09 3.05
N MET A 318 -23.99 -21.03 3.66
CA MET A 318 -24.39 -22.43 3.72
C MET A 318 -25.64 -22.66 4.55
N GLU A 319 -25.85 -21.83 5.60
CA GLU A 319 -27.05 -21.91 6.44
C GLU A 319 -28.17 -21.01 5.88
N GLY A 320 -27.85 -20.19 4.85
CA GLY A 320 -28.76 -19.24 4.24
C GLY A 320 -29.25 -18.21 5.24
N GLN A 321 -28.33 -17.75 6.12
CA GLN A 321 -28.64 -16.80 7.18
C GLN A 321 -28.44 -15.37 6.74
N TYR A 322 -29.57 -14.72 6.49
CA TYR A 322 -29.66 -13.32 6.09
C TYR A 322 -30.90 -12.71 6.74
N GLN A 323 -30.98 -11.37 6.76
CA GLN A 323 -32.15 -10.72 7.37
C GLN A 323 -32.52 -9.43 6.63
N PHE A 324 -33.82 -9.08 6.65
CA PHE A 324 -34.32 -7.84 6.09
C PHE A 324 -34.37 -6.84 7.24
N SER A 325 -33.18 -6.31 7.59
CA SER A 325 -32.92 -5.36 8.68
C SER A 325 -33.84 -4.13 8.59
N SER A 326 -34.58 -3.85 9.70
CA SER A 326 -35.58 -2.78 9.89
C SER A 326 -35.24 -1.37 9.31
N PRO A 327 -34.03 -0.76 9.45
CA PRO A 327 -33.85 0.59 8.88
C PRO A 327 -33.92 0.65 7.34
N GLU A 328 -33.18 -0.23 6.61
CA GLU A 328 -33.10 -0.20 5.13
C GLU A 328 -34.20 -1.01 4.41
N TRP A 329 -34.84 -2.01 5.07
CA TRP A 329 -35.84 -2.86 4.45
C TRP A 329 -37.28 -2.48 4.83
N ASP A 330 -37.42 -1.39 5.58
CA ASP A 330 -38.69 -0.83 6.09
C ASP A 330 -39.79 -0.61 5.01
N ASP A 331 -39.55 0.28 4.04
CA ASP A 331 -40.57 0.60 3.03
C ASP A 331 -40.49 -0.28 1.76
N ARG A 332 -39.61 -1.31 1.75
CA ARG A 332 -39.49 -2.24 0.61
C ARG A 332 -40.67 -3.21 0.58
N SER A 333 -41.29 -3.41 -0.60
CA SER A 333 -42.44 -4.29 -0.76
C SER A 333 -42.21 -5.72 -0.27
N SER A 334 -43.30 -6.38 0.18
CA SER A 334 -43.27 -7.78 0.62
C SER A 334 -43.06 -8.70 -0.57
N THR A 335 -43.47 -8.22 -1.77
CA THR A 335 -43.37 -8.89 -3.08
C THR A 335 -41.91 -9.13 -3.45
N VAL A 336 -41.03 -8.12 -3.27
CA VAL A 336 -39.61 -8.26 -3.59
C VAL A 336 -38.89 -9.11 -2.53
N LYS A 337 -39.31 -8.99 -1.25
CA LYS A 337 -38.74 -9.78 -0.15
C LYS A 337 -39.09 -11.26 -0.39
N ASP A 338 -40.30 -11.53 -0.96
CA ASP A 338 -40.73 -12.88 -1.35
C ASP A 338 -39.84 -13.43 -2.47
N LEU A 339 -39.54 -12.59 -3.50
CA LEU A 339 -38.70 -12.95 -4.64
C LEU A 339 -37.32 -13.33 -4.16
N ILE A 340 -36.67 -12.45 -3.32
CA ILE A 340 -35.36 -12.64 -2.70
C ILE A 340 -35.35 -13.96 -1.95
N SER A 341 -36.37 -14.21 -1.11
CA SER A 341 -36.52 -15.44 -0.33
C SER A 341 -36.54 -16.68 -1.23
N ARG A 342 -37.18 -16.59 -2.41
CA ARG A 342 -37.36 -17.68 -3.35
C ARG A 342 -36.12 -17.92 -4.24
N LEU A 343 -35.19 -16.94 -4.28
CA LEU A 343 -33.90 -17.01 -4.98
C LEU A 343 -32.83 -17.45 -3.97
N LEU A 344 -32.84 -16.85 -2.77
CA LEU A 344 -31.92 -17.23 -1.71
C LEU A 344 -32.49 -18.43 -0.93
N GLN A 345 -32.72 -19.53 -1.67
CA GLN A 345 -33.22 -20.81 -1.23
C GLN A 345 -32.02 -21.79 -1.25
N VAL A 346 -31.63 -22.33 -0.06
CA VAL A 346 -30.46 -23.20 0.12
C VAL A 346 -30.60 -24.46 -0.75
N ASP A 347 -31.81 -25.09 -0.78
CA ASP A 347 -32.06 -26.26 -1.63
C ASP A 347 -32.13 -25.82 -3.10
N PRO A 348 -31.21 -26.31 -3.98
CA PRO A 348 -31.23 -25.87 -5.39
C PRO A 348 -32.48 -26.31 -6.13
N GLU A 349 -33.10 -27.44 -5.69
CA GLU A 349 -34.32 -28.01 -6.27
C GLU A 349 -35.51 -27.14 -5.93
N ALA A 350 -35.53 -26.58 -4.72
CA ALA A 350 -36.61 -25.69 -4.24
C ALA A 350 -36.43 -24.24 -4.74
N ARG A 351 -35.23 -23.90 -5.26
CA ARG A 351 -34.91 -22.56 -5.72
C ARG A 351 -35.57 -22.29 -7.07
N LEU A 352 -35.96 -21.03 -7.32
CA LEU A 352 -36.59 -20.65 -8.61
C LEU A 352 -35.63 -20.77 -9.76
N THR A 353 -36.17 -21.14 -10.92
CA THR A 353 -35.42 -21.12 -12.18
C THR A 353 -35.55 -19.69 -12.71
N ALA A 354 -34.74 -19.29 -13.71
CA ALA A 354 -34.84 -17.94 -14.28
C ALA A 354 -36.25 -17.69 -14.88
N GLU A 355 -36.83 -18.71 -15.53
CA GLU A 355 -38.17 -18.62 -16.13
C GLU A 355 -39.23 -18.48 -15.05
N GLN A 356 -39.06 -19.20 -13.93
CA GLN A 356 -39.94 -19.14 -12.76
C GLN A 356 -39.85 -17.76 -12.14
N ALA A 357 -38.62 -17.25 -11.92
CA ALA A 357 -38.38 -15.92 -11.34
C ALA A 357 -39.04 -14.81 -12.19
N LEU A 358 -39.00 -14.95 -13.52
CA LEU A 358 -39.60 -13.99 -14.44
C LEU A 358 -41.14 -13.99 -14.40
N GLN A 359 -41.76 -15.09 -13.93
CA GLN A 359 -43.23 -15.19 -13.79
C GLN A 359 -43.70 -14.74 -12.43
N HIS A 360 -42.77 -14.42 -11.51
CA HIS A 360 -43.09 -13.95 -10.16
C HIS A 360 -43.81 -12.60 -10.22
N PRO A 361 -44.84 -12.33 -9.35
CA PRO A 361 -45.58 -11.05 -9.45
C PRO A 361 -44.74 -9.76 -9.36
N PHE A 362 -43.44 -9.83 -8.95
CA PHE A 362 -42.57 -8.66 -8.89
C PHE A 362 -42.36 -8.11 -10.30
N PHE A 363 -42.36 -8.98 -11.31
CA PHE A 363 -42.16 -8.54 -12.66
C PHE A 363 -43.47 -8.18 -13.38
N GLU A 364 -44.62 -8.17 -12.67
CA GLU A 364 -45.87 -7.75 -13.28
C GLU A 364 -45.72 -6.28 -13.80
N ARG A 365 -46.25 -6.02 -15.03
CA ARG A 365 -46.17 -4.71 -15.69
C ARG A 365 -47.50 -4.00 -15.58
N GLU B 82 12.20 18.01 31.82
CA GLU B 82 11.96 18.62 33.14
C GLU B 82 11.91 17.53 34.25
N LEU B 83 10.70 17.22 34.79
CA LEU B 83 10.35 16.20 35.80
C LEU B 83 10.83 14.78 35.44
N PRO B 84 10.93 13.81 36.38
CA PRO B 84 11.22 12.43 35.97
C PRO B 84 10.03 11.89 35.18
N ASP B 85 10.25 10.91 34.28
CA ASP B 85 9.20 10.34 33.44
C ASP B 85 7.98 9.88 34.21
N TRP B 86 8.21 9.24 35.38
CA TRP B 86 7.09 8.76 36.19
C TRP B 86 6.18 9.89 36.65
N ALA B 87 6.74 11.09 36.93
CA ALA B 87 6.00 12.26 37.44
C ALA B 87 5.11 12.89 36.36
N ALA B 88 5.63 13.15 35.14
CA ALA B 88 4.81 13.73 34.07
C ALA B 88 3.65 12.78 33.72
N ALA B 89 3.94 11.46 33.60
CA ALA B 89 2.93 10.42 33.33
C ALA B 89 1.89 10.35 34.46
N LYS B 90 2.33 10.34 35.75
CA LYS B 90 1.43 10.34 36.91
C LYS B 90 0.49 11.56 36.89
N GLU B 91 1.05 12.80 36.75
CA GLU B 91 0.32 14.06 36.69
C GLU B 91 -0.69 14.10 35.56
N PHE B 92 -0.32 13.59 34.37
CA PHE B 92 -1.26 13.58 33.27
C PHE B 92 -2.40 12.57 33.50
N TYR B 93 -2.07 11.30 33.77
CA TYR B 93 -3.06 10.23 33.92
C TYR B 93 -3.90 10.35 35.20
N GLN B 94 -3.45 11.17 36.16
CA GLN B 94 -4.23 11.42 37.37
C GLN B 94 -5.37 12.41 37.04
N LYS B 95 -5.07 13.41 36.17
CA LYS B 95 -6.01 14.45 35.79
C LYS B 95 -6.84 14.05 34.55
N TYR B 96 -6.25 13.28 33.62
CA TYR B 96 -6.95 12.92 32.38
C TYR B 96 -7.07 11.42 32.16
N ASP B 97 -8.18 11.03 31.52
CA ASP B 97 -8.49 9.64 31.17
C ASP B 97 -8.34 9.47 29.63
N PRO B 98 -7.34 8.64 29.21
CA PRO B 98 -7.05 8.49 27.78
C PRO B 98 -8.05 7.59 27.07
N LYS B 99 -8.43 8.03 25.86
CA LYS B 99 -9.41 7.25 25.11
C LYS B 99 -8.83 6.87 23.75
N ASP B 100 -9.67 6.84 22.71
CA ASP B 100 -9.31 6.37 21.39
C ASP B 100 -8.32 7.29 20.68
N VAL B 101 -7.42 6.66 19.89
CA VAL B 101 -6.44 7.31 19.01
C VAL B 101 -7.22 7.94 17.83
N ILE B 102 -7.08 9.26 17.64
CA ILE B 102 -7.75 10.01 16.57
C ILE B 102 -6.74 10.50 15.51
N GLY B 103 -5.44 10.40 15.81
CA GLY B 103 -4.36 10.81 14.92
C GLY B 103 -3.00 10.28 15.32
N ARG B 104 -2.09 10.15 14.33
CA ARG B 104 -0.73 9.65 14.52
C ARG B 104 0.27 10.43 13.70
N GLY B 105 1.44 10.61 14.29
CA GLY B 105 2.59 11.26 13.68
C GLY B 105 3.83 10.39 13.82
N VAL B 106 4.98 10.90 13.38
CA VAL B 106 6.25 10.17 13.44
C VAL B 106 6.61 9.87 14.90
N SER B 107 6.73 10.92 15.73
CA SER B 107 7.10 10.78 17.13
C SER B 107 5.93 11.11 18.09
N SER B 108 4.68 11.04 17.59
CA SER B 108 3.51 11.37 18.39
C SER B 108 2.25 10.59 18.02
N VAL B 109 1.28 10.63 18.94
CA VAL B 109 -0.06 10.07 18.81
C VAL B 109 -1.05 11.12 19.38
N VAL B 110 -2.22 11.26 18.75
CA VAL B 110 -3.26 12.17 19.24
C VAL B 110 -4.41 11.30 19.69
N ARG B 111 -4.83 11.46 20.95
CA ARG B 111 -5.92 10.69 21.51
C ARG B 111 -6.99 11.59 22.10
N ARG B 112 -8.25 11.11 22.07
CA ARG B 112 -9.32 11.78 22.77
C ARG B 112 -9.07 11.49 24.25
N CYS B 113 -9.31 12.45 25.14
CA CYS B 113 -9.13 12.20 26.56
C CYS B 113 -10.23 12.94 27.33
N VAL B 114 -10.54 12.45 28.55
CA VAL B 114 -11.58 13.03 29.41
C VAL B 114 -10.92 13.59 30.67
N HIS B 115 -11.20 14.86 30.99
CA HIS B 115 -10.72 15.49 32.22
C HIS B 115 -11.57 14.90 33.34
N ARG B 116 -10.97 14.02 34.15
CA ARG B 116 -11.62 13.21 35.19
C ARG B 116 -12.56 14.00 36.12
N ALA B 117 -12.12 15.17 36.61
CA ALA B 117 -12.87 16.00 37.57
C ALA B 117 -14.11 16.65 36.99
N THR B 118 -14.14 16.96 35.69
CA THR B 118 -15.28 17.66 35.05
C THR B 118 -16.06 16.79 34.07
N GLY B 119 -15.39 15.84 33.44
CA GLY B 119 -16.00 14.95 32.46
C GLY B 119 -15.93 15.49 31.05
N HIS B 120 -15.22 16.64 30.88
CA HIS B 120 -15.08 17.33 29.60
C HIS B 120 -14.07 16.66 28.73
N GLU B 121 -14.40 16.57 27.45
CA GLU B 121 -13.51 15.93 26.51
C GLU B 121 -12.54 16.89 25.86
N PHE B 122 -11.35 16.36 25.63
CA PHE B 122 -10.23 17.04 25.01
C PHE B 122 -9.48 16.10 24.07
N ALA B 123 -8.43 16.61 23.47
CA ALA B 123 -7.50 15.86 22.62
C ALA B 123 -6.13 16.04 23.24
N VAL B 124 -5.37 14.96 23.34
CA VAL B 124 -4.03 15.04 23.88
C VAL B 124 -3.04 14.55 22.81
N LYS B 125 -2.00 15.34 22.58
CA LYS B 125 -0.88 14.96 21.72
C LYS B 125 0.23 14.52 22.66
N ILE B 126 0.63 13.23 22.55
CA ILE B 126 1.70 12.64 23.35
C ILE B 126 2.92 12.52 22.45
N MET B 127 3.92 13.35 22.71
CA MET B 127 5.18 13.36 21.96
C MET B 127 6.19 12.52 22.71
N GLU B 128 6.73 11.46 22.06
CA GLU B 128 7.69 10.52 22.66
C GLU B 128 9.10 10.82 22.14
N VAL B 129 9.88 11.55 22.99
CA VAL B 129 11.24 12.04 22.75
C VAL B 129 12.26 11.03 23.38
N THR B 130 12.11 9.74 22.96
CA THR B 130 12.88 8.54 23.31
C THR B 130 12.54 7.48 22.23
N ALA B 131 11.70 7.88 21.23
CA ALA B 131 11.22 7.08 20.10
C ALA B 131 10.66 8.00 19.02
N SER B 135 20.93 11.60 19.38
CA SER B 135 21.99 12.00 20.32
C SER B 135 21.41 12.89 21.45
N PRO B 136 22.07 13.00 22.64
CA PRO B 136 21.52 13.85 23.72
C PRO B 136 21.38 15.32 23.33
N GLU B 137 22.26 15.79 22.43
CA GLU B 137 22.28 17.16 21.89
C GLU B 137 21.07 17.38 20.96
N GLN B 138 20.83 16.44 20.00
CA GLN B 138 19.71 16.47 19.05
C GLN B 138 18.36 16.39 19.78
N LEU B 139 18.30 15.60 20.89
CA LEU B 139 17.11 15.43 21.71
C LEU B 139 16.77 16.73 22.45
N GLU B 140 17.79 17.52 22.86
CA GLU B 140 17.57 18.82 23.50
C GLU B 140 17.15 19.86 22.44
N GLU B 141 17.53 19.64 21.15
CA GLU B 141 17.12 20.48 20.03
C GLU B 141 15.59 20.32 19.83
N VAL B 142 15.11 19.06 19.86
CA VAL B 142 13.68 18.68 19.75
C VAL B 142 12.89 19.27 20.96
N ARG B 143 13.46 19.20 22.18
CA ARG B 143 12.82 19.73 23.37
C ARG B 143 12.67 21.25 23.25
N GLU B 144 13.78 21.96 22.89
CA GLU B 144 13.78 23.42 22.73
C GLU B 144 12.78 23.86 21.66
N ALA B 145 12.66 23.09 20.57
CA ALA B 145 11.70 23.40 19.48
C ALA B 145 10.24 23.27 19.94
N THR B 146 9.95 22.25 20.76
CA THR B 146 8.60 22.02 21.30
C THR B 146 8.26 23.12 22.33
N ARG B 147 9.29 23.68 23.01
CA ARG B 147 9.11 24.79 23.95
C ARG B 147 8.74 26.06 23.19
N ARG B 148 9.38 26.25 22.01
CA ARG B 148 9.10 27.38 21.12
C ARG B 148 7.64 27.36 20.67
N GLU B 149 7.15 26.16 20.31
CA GLU B 149 5.79 25.88 19.87
C GLU B 149 4.74 26.14 20.95
N THR B 150 4.95 25.60 22.19
CA THR B 150 4.02 25.77 23.32
C THR B 150 3.96 27.23 23.76
N HIS B 151 5.08 27.97 23.67
CA HIS B 151 5.12 29.40 24.01
C HIS B 151 4.20 30.18 23.05
N ILE B 152 4.32 29.93 21.74
CA ILE B 152 3.47 30.56 20.72
C ILE B 152 2.00 30.19 20.96
N LEU B 153 1.72 28.89 21.20
CA LEU B 153 0.37 28.41 21.48
C LEU B 153 -0.26 29.15 22.67
N ARG B 154 0.50 29.41 23.76
CA ARG B 154 -0.03 30.11 24.92
C ARG B 154 -0.35 31.56 24.58
N GLN B 155 0.40 32.18 23.66
CA GLN B 155 0.16 33.55 23.23
C GLN B 155 -1.15 33.70 22.45
N VAL B 156 -1.45 32.72 21.61
CA VAL B 156 -2.61 32.77 20.73
C VAL B 156 -3.86 32.11 21.37
N ALA B 157 -3.71 31.37 22.51
CA ALA B 157 -4.82 30.70 23.22
C ALA B 157 -5.88 31.72 23.55
N GLY B 158 -7.09 31.44 23.13
CA GLY B 158 -8.24 32.33 23.32
C GLY B 158 -8.96 32.69 22.03
N HIS B 159 -8.22 32.78 20.90
CA HIS B 159 -8.79 33.08 19.60
C HIS B 159 -9.76 31.97 19.16
N PRO B 160 -10.99 32.34 18.72
CA PRO B 160 -11.99 31.32 18.34
C PRO B 160 -11.62 30.40 17.16
N HIS B 161 -10.67 30.80 16.32
CA HIS B 161 -10.31 29.98 15.17
C HIS B 161 -8.84 29.51 15.21
N ILE B 162 -8.30 29.37 16.44
CA ILE B 162 -6.96 28.86 16.69
C ILE B 162 -7.07 27.81 17.77
N ILE B 163 -6.32 26.69 17.63
CA ILE B 163 -6.33 25.60 18.61
C ILE B 163 -5.88 26.11 19.98
N THR B 164 -6.57 25.68 21.06
CA THR B 164 -6.28 26.11 22.41
C THR B 164 -5.45 25.08 23.15
N LEU B 165 -4.29 25.49 23.67
CA LEU B 165 -3.49 24.60 24.50
C LEU B 165 -4.06 24.74 25.92
N ILE B 166 -4.74 23.69 26.38
CA ILE B 166 -5.45 23.63 27.65
C ILE B 166 -4.49 23.36 28.82
N ASP B 167 -3.51 22.49 28.57
CA ASP B 167 -2.58 21.96 29.57
C ASP B 167 -1.36 21.29 28.92
N SER B 168 -0.25 21.17 29.67
CA SER B 168 0.98 20.57 29.19
C SER B 168 1.77 19.93 30.34
N TYR B 169 2.41 18.78 30.06
CA TYR B 169 3.23 18.01 31.01
C TYR B 169 4.52 17.58 30.31
N GLU B 170 5.69 17.92 30.91
CA GLU B 170 7.04 17.66 30.38
C GLU B 170 7.93 16.78 31.29
N SER B 171 8.61 15.81 30.65
CA SER B 171 9.63 14.94 31.24
C SER B 171 10.78 14.88 30.22
N SER B 172 11.80 14.03 30.43
CA SER B 172 12.92 13.84 29.52
C SER B 172 12.45 13.14 28.24
N SER B 173 11.62 12.09 28.41
CA SER B 173 11.10 11.25 27.32
C SER B 173 9.82 11.77 26.71
N PHE B 174 8.89 12.28 27.55
CA PHE B 174 7.55 12.67 27.14
C PHE B 174 7.24 14.15 27.14
N MET B 175 6.18 14.47 26.37
CA MET B 175 5.50 15.74 26.26
C MET B 175 4.03 15.40 26.07
N PHE B 176 3.14 15.86 27.02
CA PHE B 176 1.68 15.67 26.96
C PHE B 176 1.07 17.03 26.75
N LEU B 177 0.52 17.28 25.55
CA LEU B 177 -0.13 18.56 25.20
C LEU B 177 -1.63 18.38 25.06
N VAL B 178 -2.41 19.00 25.95
CA VAL B 178 -3.87 18.89 25.96
C VAL B 178 -4.46 20.07 25.19
N PHE B 179 -5.34 19.76 24.21
CA PHE B 179 -5.99 20.75 23.35
C PHE B 179 -7.49 20.60 23.28
N ASP B 180 -8.14 21.48 22.48
CA ASP B 180 -9.56 21.34 22.15
C ASP B 180 -9.73 20.08 21.32
N LEU B 181 -10.84 19.38 21.55
CA LEU B 181 -11.20 18.22 20.76
C LEU B 181 -12.01 18.73 19.57
N MET B 182 -11.51 18.51 18.35
CA MET B 182 -12.16 18.94 17.10
C MET B 182 -12.72 17.68 16.47
N ARG B 183 -13.99 17.41 16.77
CA ARG B 183 -14.71 16.17 16.46
C ARG B 183 -14.90 15.86 14.95
N LYS B 184 -14.76 16.82 14.06
CA LYS B 184 -14.87 16.51 12.62
C LYS B 184 -13.49 16.36 11.96
N GLY B 185 -12.45 16.34 12.79
CA GLY B 185 -11.07 16.12 12.38
C GLY B 185 -10.47 17.17 11.48
N GLU B 186 -9.58 16.71 10.57
CA GLU B 186 -8.85 17.56 9.63
C GLU B 186 -9.69 17.94 8.45
N LEU B 187 -9.52 19.20 8.00
CA LEU B 187 -10.20 19.76 6.84
C LEU B 187 -9.82 18.95 5.60
N PHE B 188 -8.58 18.41 5.57
CA PHE B 188 -8.04 17.57 4.50
C PHE B 188 -8.94 16.33 4.29
N ASP B 189 -9.29 15.62 5.38
CA ASP B 189 -10.11 14.40 5.32
C ASP B 189 -11.55 14.73 4.90
N TYR B 190 -12.05 15.92 5.31
CA TYR B 190 -13.35 16.41 4.92
C TYR B 190 -13.38 16.66 3.41
N LEU B 191 -12.31 17.30 2.87
CA LEU B 191 -12.14 17.58 1.45
C LEU B 191 -12.07 16.29 0.66
N THR B 192 -11.36 15.26 1.19
CA THR B 192 -11.28 13.96 0.53
C THR B 192 -12.70 13.37 0.35
N GLU B 193 -13.51 13.39 1.44
CA GLU B 193 -14.87 12.89 1.47
C GLU B 193 -15.79 13.66 0.50
N LYS B 194 -15.77 15.01 0.55
CA LYS B 194 -16.63 15.85 -0.29
C LYS B 194 -16.07 16.04 -1.73
N VAL B 195 -14.79 15.67 -1.96
CA VAL B 195 -14.03 15.76 -3.23
C VAL B 195 -13.62 17.24 -3.47
N ALA B 196 -14.62 18.14 -3.57
CA ALA B 196 -14.44 19.57 -3.79
C ALA B 196 -15.55 20.31 -3.05
N LEU B 197 -15.26 21.49 -2.49
CA LEU B 197 -16.29 22.23 -1.75
C LEU B 197 -16.93 23.31 -2.59
N SER B 198 -18.12 23.78 -2.16
CA SER B 198 -18.84 24.87 -2.78
C SER B 198 -18.19 26.19 -2.40
N GLU B 199 -18.41 27.24 -3.19
CA GLU B 199 -17.88 28.56 -2.87
C GLU B 199 -18.43 29.05 -1.52
N LYS B 200 -19.74 28.78 -1.23
CA LYS B 200 -20.45 29.14 0.01
C LYS B 200 -19.72 28.56 1.24
N GLU B 201 -19.43 27.25 1.20
CA GLU B 201 -18.73 26.57 2.28
C GLU B 201 -17.26 27.06 2.35
N THR B 202 -16.59 27.20 1.19
CA THR B 202 -15.21 27.68 1.05
C THR B 202 -15.08 29.11 1.60
N ARG B 203 -16.09 29.97 1.34
CA ARG B 203 -16.15 31.34 1.83
C ARG B 203 -16.07 31.38 3.37
N SER B 204 -16.89 30.55 4.04
CA SER B 204 -16.96 30.42 5.48
C SER B 204 -15.62 29.97 6.06
N ILE B 205 -14.95 28.97 5.42
CA ILE B 205 -13.66 28.44 5.87
C ILE B 205 -12.56 29.48 5.65
N MET B 206 -12.52 30.11 4.46
CA MET B 206 -11.50 31.11 4.12
C MET B 206 -11.56 32.36 4.99
N ARG B 207 -12.77 32.84 5.31
CA ARG B 207 -12.96 34.01 6.16
C ARG B 207 -12.32 33.76 7.52
N SER B 208 -12.66 32.61 8.12
CA SER B 208 -12.17 32.16 9.42
C SER B 208 -10.65 32.01 9.38
N LEU B 209 -10.12 31.37 8.32
CA LEU B 209 -8.69 31.16 8.13
C LEU B 209 -7.91 32.49 8.08
N LEU B 210 -8.36 33.43 7.23
CA LEU B 210 -7.75 34.74 7.04
C LEU B 210 -7.87 35.61 8.29
N GLU B 211 -8.94 35.42 9.08
CA GLU B 211 -9.09 36.13 10.35
C GLU B 211 -8.04 35.63 11.33
N ALA B 212 -7.81 34.31 11.39
CA ALA B 212 -6.81 33.67 12.25
C ALA B 212 -5.40 34.12 11.81
N VAL B 213 -5.14 34.15 10.48
CA VAL B 213 -3.86 34.57 9.89
C VAL B 213 -3.60 36.07 10.22
N SER B 214 -4.62 36.93 10.10
CA SER B 214 -4.55 38.35 10.41
C SER B 214 -4.17 38.54 11.89
N PHE B 215 -4.76 37.74 12.78
CA PHE B 215 -4.50 37.79 14.23
C PHE B 215 -3.04 37.40 14.53
N LEU B 216 -2.59 36.27 13.94
CA LEU B 216 -1.22 35.73 14.07
C LEU B 216 -0.19 36.77 13.72
N HIS B 217 -0.41 37.45 12.58
CA HIS B 217 0.45 38.47 11.99
C HIS B 217 0.46 39.77 12.80
N ALA B 218 -0.71 40.18 13.35
CA ALA B 218 -0.83 41.35 14.20
C ALA B 218 0.00 41.14 15.49
N ASN B 219 0.14 39.86 15.91
CA ASN B 219 0.91 39.43 17.08
C ASN B 219 2.32 39.01 16.70
N ASN B 220 2.69 39.31 15.44
CA ASN B 220 3.99 39.11 14.81
C ASN B 220 4.42 37.67 14.88
N ILE B 221 3.51 36.78 14.50
CA ILE B 221 3.72 35.33 14.39
C ILE B 221 3.41 34.97 12.96
N VAL B 222 4.32 34.18 12.35
CA VAL B 222 4.17 33.60 11.02
C VAL B 222 3.97 32.07 11.25
N HIS B 223 2.85 31.49 10.76
CA HIS B 223 2.50 30.08 10.94
C HIS B 223 3.49 29.15 10.22
N ARG B 224 3.78 29.42 8.93
CA ARG B 224 4.74 28.72 8.05
C ARG B 224 4.38 27.27 7.74
N ASP B 225 3.17 26.81 8.08
CA ASP B 225 2.78 25.48 7.66
C ASP B 225 1.27 25.40 7.46
N LEU B 226 0.63 26.44 6.87
CA LEU B 226 -0.81 26.44 6.59
C LEU B 226 -1.13 25.46 5.46
N LYS B 227 -2.03 24.51 5.72
CA LYS B 227 -2.49 23.50 4.76
C LYS B 227 -3.76 22.83 5.31
N PRO B 228 -4.60 22.15 4.48
CA PRO B 228 -5.84 21.53 5.02
C PRO B 228 -5.64 20.50 6.16
N GLU B 229 -4.44 19.91 6.26
CA GLU B 229 -4.10 18.92 7.28
C GLU B 229 -3.94 19.57 8.65
N ASN B 230 -3.62 20.87 8.68
CA ASN B 230 -3.37 21.68 9.87
C ASN B 230 -4.55 22.59 10.24
N ILE B 231 -5.72 22.36 9.61
CA ILE B 231 -6.96 23.08 9.86
C ILE B 231 -7.94 22.02 10.36
N LEU B 232 -8.44 22.21 11.59
CA LEU B 232 -9.34 21.27 12.25
C LEU B 232 -10.76 21.80 12.29
N LEU B 233 -11.74 20.87 12.28
CA LEU B 233 -13.17 21.20 12.27
C LEU B 233 -13.92 20.62 13.46
N ASP B 234 -14.92 21.36 13.97
CA ASP B 234 -15.80 20.86 15.02
C ASP B 234 -17.13 20.42 14.36
N ASP B 235 -18.14 20.04 15.16
CA ASP B 235 -19.42 19.57 14.62
C ASP B 235 -20.25 20.66 13.93
N ASN B 236 -20.01 21.93 14.30
CA ASN B 236 -20.68 23.10 13.72
C ASN B 236 -19.96 23.56 12.44
N MET B 237 -18.95 22.80 12.00
CA MET B 237 -18.13 23.06 10.82
C MET B 237 -17.27 24.32 11.02
N GLN B 238 -16.96 24.64 12.29
CA GLN B 238 -16.13 25.80 12.65
C GLN B 238 -14.69 25.35 12.72
N ILE B 239 -13.80 26.20 12.18
CA ILE B 239 -12.37 25.98 11.97
C ILE B 239 -11.45 26.46 13.11
N ARG B 240 -10.38 25.70 13.35
CA ARG B 240 -9.31 26.02 14.28
C ARG B 240 -8.00 25.66 13.67
N LEU B 241 -7.15 26.68 13.55
CA LEU B 241 -5.81 26.54 13.00
C LEU B 241 -4.94 25.82 14.01
N SER B 242 -4.19 24.83 13.54
CA SER B 242 -3.33 24.04 14.44
C SER B 242 -1.93 23.86 13.83
N ASP B 243 -1.12 22.96 14.45
N ASP B 243 -1.12 22.91 14.41
CA ASP B 243 0.23 22.54 14.04
CA ASP B 243 0.26 22.53 14.02
C ASP B 243 1.17 23.73 13.83
C ASP B 243 1.16 23.75 13.83
N PHE B 244 1.51 24.35 14.96
CA PHE B 244 2.37 25.51 15.05
C PHE B 244 3.87 25.09 15.19
N GLY B 245 4.20 23.89 14.71
CA GLY B 245 5.54 23.32 14.74
C GLY B 245 6.58 24.11 13.97
N PHE B 246 6.15 24.86 12.93
CA PHE B 246 7.07 25.67 12.14
C PHE B 246 6.91 27.17 12.40
N SER B 247 5.93 27.54 13.24
CA SER B 247 5.67 28.93 13.61
C SER B 247 6.81 29.57 14.33
N CYS B 248 6.87 30.89 14.22
CA CYS B 248 7.88 31.69 14.90
C CYS B 248 7.48 33.16 14.96
N HIS B 249 8.16 33.91 15.81
N HIS B 249 8.13 33.91 15.85
CA HIS B 249 7.96 35.34 15.94
CA HIS B 249 7.93 35.34 15.97
C HIS B 249 8.73 36.06 14.86
C HIS B 249 8.69 36.02 14.84
N LEU B 250 8.16 37.18 14.39
CA LEU B 250 8.78 38.01 13.38
C LEU B 250 8.51 39.50 13.65
N GLU B 251 9.53 40.20 14.21
CA GLU B 251 9.52 41.65 14.46
C GLU B 251 9.32 42.38 13.13
N PRO B 252 8.45 43.41 13.04
CA PRO B 252 8.21 44.08 11.73
C PRO B 252 9.48 44.71 11.16
N GLY B 253 9.65 44.57 9.84
CA GLY B 253 10.83 45.04 9.12
C GLY B 253 11.87 43.95 8.92
N GLU B 254 11.90 42.99 9.88
CA GLU B 254 12.82 41.85 9.87
C GLU B 254 12.28 40.74 8.96
N LYS B 255 13.17 39.82 8.58
CA LYS B 255 12.91 38.73 7.65
C LYS B 255 13.42 37.36 8.18
N LEU B 256 12.87 36.25 7.61
CA LEU B 256 13.22 34.87 7.95
C LEU B 256 13.94 34.19 6.80
N ARG B 257 14.58 33.05 7.06
CA ARG B 257 15.39 32.38 6.04
C ARG B 257 15.23 30.89 5.99
N GLU B 258 14.79 30.28 7.11
CA GLU B 258 14.67 28.83 7.24
C GLU B 258 13.73 28.23 6.21
N LEU B 259 14.17 27.17 5.56
CA LEU B 259 13.32 26.42 4.65
C LEU B 259 12.49 25.42 5.45
N CYS B 260 11.19 25.67 5.55
CA CYS B 260 10.27 24.80 6.26
C CYS B 260 8.87 24.98 5.69
N GLY B 261 7.97 24.05 6.01
CA GLY B 261 6.62 24.02 5.49
C GLY B 261 6.49 22.90 4.49
N THR B 262 5.28 22.68 3.96
CA THR B 262 5.00 21.62 3.00
C THR B 262 5.34 22.15 1.58
N PRO B 263 6.09 21.37 0.78
CA PRO B 263 6.53 21.85 -0.55
C PRO B 263 5.44 22.46 -1.45
N GLY B 264 4.27 21.82 -1.53
CA GLY B 264 3.17 22.30 -2.35
C GLY B 264 2.61 23.65 -1.95
N TYR B 265 2.83 24.04 -0.67
CA TYR B 265 2.30 25.25 -0.08
C TYR B 265 3.36 26.35 0.08
N LEU B 266 4.65 26.07 -0.30
CA LEU B 266 5.77 27.02 -0.17
C LEU B 266 5.70 28.19 -1.13
N ALA B 267 5.92 29.42 -0.60
CA ALA B 267 5.94 30.65 -1.42
C ALA B 267 7.22 30.70 -2.27
N PRO B 268 7.22 31.40 -3.43
CA PRO B 268 8.44 31.45 -4.24
C PRO B 268 9.65 32.01 -3.48
N GLU B 269 9.46 33.07 -2.67
CA GLU B 269 10.54 33.74 -1.95
C GLU B 269 11.25 32.81 -0.94
N ILE B 270 10.55 31.75 -0.44
CA ILE B 270 11.17 30.79 0.49
C ILE B 270 12.19 29.97 -0.32
N LEU B 271 11.80 29.50 -1.52
CA LEU B 271 12.67 28.71 -2.39
C LEU B 271 13.87 29.53 -2.87
N LYS B 272 13.63 30.80 -3.27
CA LYS B 272 14.64 31.74 -3.74
C LYS B 272 15.73 31.97 -2.67
N CYS B 273 15.31 32.22 -1.44
CA CYS B 273 16.09 32.54 -0.25
C CYS B 273 16.96 31.37 0.22
N SER B 274 16.41 30.14 0.22
CA SER B 274 17.03 28.91 0.69
C SER B 274 18.41 28.65 0.05
N MET B 275 18.59 29.15 -1.18
CA MET B 275 19.79 29.05 -2.02
C MET B 275 20.74 30.23 -1.78
N ASP B 276 20.36 31.41 -2.32
CA ASP B 276 21.11 32.66 -2.25
C ASP B 276 21.18 33.20 -0.82
N GLU B 277 22.39 33.17 -0.26
CA GLU B 277 22.64 33.70 1.06
C GLU B 277 22.64 35.25 1.04
N THR B 278 22.69 35.86 -0.15
CA THR B 278 22.60 37.32 -0.24
C THR B 278 21.13 37.75 -0.34
N HIS B 279 20.21 36.81 -0.62
CA HIS B 279 18.78 37.11 -0.75
C HIS B 279 18.23 37.61 0.60
N PRO B 280 17.46 38.72 0.60
CA PRO B 280 17.03 39.35 1.86
C PRO B 280 16.16 38.53 2.82
N GLY B 281 15.53 37.45 2.36
CA GLY B 281 14.66 36.64 3.21
C GLY B 281 13.17 36.80 2.92
N TYR B 282 12.32 36.19 3.77
CA TYR B 282 10.87 36.21 3.58
C TYR B 282 10.16 36.69 4.86
N GLY B 283 8.88 37.06 4.71
CA GLY B 283 8.06 37.54 5.82
C GLY B 283 6.76 36.81 6.02
N LYS B 284 5.74 37.53 6.57
CA LYS B 284 4.43 36.95 6.85
C LYS B 284 3.59 36.67 5.58
N GLU B 285 4.00 37.24 4.43
CA GLU B 285 3.35 37.09 3.12
C GLU B 285 3.33 35.62 2.65
N VAL B 286 4.28 34.80 3.16
CA VAL B 286 4.37 33.37 2.84
C VAL B 286 3.11 32.60 3.31
N ASP B 287 2.46 33.09 4.43
CA ASP B 287 1.24 32.51 4.96
C ASP B 287 0.07 32.70 3.97
N LEU B 288 0.02 33.88 3.30
CA LEU B 288 -1.03 34.24 2.35
C LEU B 288 -0.91 33.58 1.02
N TRP B 289 0.30 33.17 0.63
CA TRP B 289 0.52 32.37 -0.55
C TRP B 289 -0.09 30.98 -0.26
N ALA B 290 0.18 30.43 0.96
CA ALA B 290 -0.36 29.14 1.42
C ALA B 290 -1.90 29.19 1.46
N CYS B 291 -2.50 30.35 1.87
CA CYS B 291 -3.94 30.56 1.88
C CYS B 291 -4.49 30.45 0.46
N GLY B 292 -3.77 31.02 -0.52
CA GLY B 292 -4.10 30.96 -1.93
C GLY B 292 -4.12 29.52 -2.43
N VAL B 293 -3.11 28.72 -2.00
CA VAL B 293 -3.00 27.30 -2.34
C VAL B 293 -4.17 26.53 -1.70
N ILE B 294 -4.49 26.83 -0.41
CA ILE B 294 -5.61 26.18 0.29
C ILE B 294 -6.92 26.47 -0.46
N LEU B 295 -7.24 27.75 -0.72
CA LEU B 295 -8.42 28.21 -1.44
C LEU B 295 -8.60 27.49 -2.75
N PHE B 296 -7.53 27.40 -3.58
CA PHE B 296 -7.52 26.68 -4.86
C PHE B 296 -7.90 25.22 -4.65
N THR B 297 -7.20 24.54 -3.73
CA THR B 297 -7.37 23.11 -3.42
C THR B 297 -8.80 22.79 -2.93
N LEU B 298 -9.42 23.65 -2.11
CA LEU B 298 -10.76 23.40 -1.59
C LEU B 298 -11.78 23.36 -2.71
N LEU B 299 -11.63 24.27 -3.69
CA LEU B 299 -12.52 24.38 -4.81
C LEU B 299 -12.22 23.35 -5.87
N ALA B 300 -10.93 23.13 -6.25
CA ALA B 300 -10.54 22.19 -7.32
C ALA B 300 -10.54 20.72 -6.86
N GLY B 301 -10.24 20.48 -5.58
CA GLY B 301 -10.11 19.14 -5.03
C GLY B 301 -8.73 18.55 -5.29
N SER B 302 -7.84 19.37 -5.86
CA SER B 302 -6.45 19.05 -6.21
C SER B 302 -5.59 20.33 -6.07
N PRO B 303 -4.27 20.20 -5.79
CA PRO B 303 -3.45 21.41 -5.58
C PRO B 303 -3.07 22.12 -6.89
N PRO B 304 -2.76 23.45 -6.83
CA PRO B 304 -2.41 24.18 -8.06
C PRO B 304 -1.05 23.80 -8.65
N PHE B 305 -0.07 23.48 -7.82
CA PHE B 305 1.27 23.10 -8.26
C PHE B 305 1.47 21.66 -7.86
N TRP B 306 1.35 20.75 -8.83
CA TRP B 306 1.49 19.33 -8.57
C TRP B 306 2.06 18.62 -9.80
N HIS B 307 2.73 17.48 -9.54
CA HIS B 307 3.38 16.54 -10.47
C HIS B 307 3.97 15.36 -9.66
N ARG B 308 4.48 14.34 -10.37
CA ARG B 308 5.08 13.12 -9.79
C ARG B 308 6.46 13.45 -9.21
N ARG B 309 7.22 14.31 -9.92
CA ARG B 309 8.54 14.78 -9.53
C ARG B 309 8.43 16.15 -8.83
N GLN B 310 8.80 16.17 -7.53
CA GLN B 310 8.78 17.32 -6.62
C GLN B 310 9.60 18.51 -7.15
N ILE B 311 10.73 18.22 -7.81
CA ILE B 311 11.63 19.23 -8.37
C ILE B 311 10.93 20.07 -9.48
N LEU B 312 10.06 19.43 -10.28
CA LEU B 312 9.32 20.13 -11.34
C LEU B 312 8.23 21.01 -10.72
N MET B 313 7.73 20.62 -9.55
CA MET B 313 6.73 21.38 -8.78
C MET B 313 7.33 22.71 -8.29
N LEU B 314 8.62 22.70 -7.94
CA LEU B 314 9.38 23.87 -7.46
C LEU B 314 9.48 24.97 -8.53
N ARG B 315 9.68 24.56 -9.80
CA ARG B 315 9.76 25.41 -10.98
C ARG B 315 8.41 26.10 -11.23
N MET B 316 7.32 25.34 -11.04
CA MET B 316 5.95 25.82 -11.21
C MET B 316 5.64 26.88 -10.14
N ILE B 317 6.03 26.61 -8.87
CA ILE B 317 5.84 27.54 -7.74
C ILE B 317 6.52 28.87 -8.04
N MET B 318 7.84 28.81 -8.29
CA MET B 318 8.69 29.97 -8.48
C MET B 318 8.25 30.83 -9.67
N GLU B 319 7.65 30.21 -10.71
CA GLU B 319 7.14 30.95 -11.87
C GLU B 319 5.65 31.30 -11.67
N GLY B 320 5.04 30.79 -10.59
CA GLY B 320 3.62 30.97 -10.25
C GLY B 320 2.71 30.45 -11.35
N GLN B 321 3.09 29.27 -11.92
CA GLN B 321 2.35 28.65 -13.01
C GLN B 321 1.28 27.66 -12.47
N TYR B 322 0.03 28.15 -12.41
CA TYR B 322 -1.21 27.47 -12.03
C TYR B 322 -2.22 27.77 -13.14
N GLN B 323 -3.18 26.86 -13.39
CA GLN B 323 -4.24 27.07 -14.37
C GLN B 323 -5.60 26.65 -13.79
N PHE B 324 -6.66 27.33 -14.24
CA PHE B 324 -8.03 27.04 -13.85
C PHE B 324 -8.60 26.10 -14.92
N SER B 325 -8.17 24.82 -14.85
CA SER B 325 -8.53 23.74 -15.77
C SER B 325 -10.07 23.60 -15.93
N SER B 326 -10.52 23.65 -17.21
CA SER B 326 -11.90 23.62 -17.70
C SER B 326 -12.88 22.63 -16.99
N PRO B 327 -12.57 21.33 -16.69
CA PRO B 327 -13.62 20.49 -16.07
C PRO B 327 -14.04 20.93 -14.65
N GLU B 328 -13.07 21.16 -13.75
CA GLU B 328 -13.33 21.49 -12.33
C GLU B 328 -13.50 22.99 -12.02
N TRP B 329 -12.98 23.90 -12.88
CA TRP B 329 -13.07 25.35 -12.65
C TRP B 329 -14.19 26.01 -13.46
N ASP B 330 -14.97 25.20 -14.19
CA ASP B 330 -16.06 25.65 -15.04
C ASP B 330 -17.13 26.48 -14.28
N ASP B 331 -17.76 25.88 -13.25
CA ASP B 331 -18.84 26.49 -12.48
C ASP B 331 -18.35 27.51 -11.42
N ARG B 332 -17.05 27.84 -11.41
CA ARG B 332 -16.48 28.74 -10.42
C ARG B 332 -16.58 30.19 -10.84
N SER B 333 -16.91 31.07 -9.86
CA SER B 333 -17.02 32.52 -10.11
C SER B 333 -15.67 33.14 -10.47
N SER B 334 -15.70 34.24 -11.22
CA SER B 334 -14.52 35.00 -11.61
C SER B 334 -13.97 35.74 -10.41
N THR B 335 -14.85 36.04 -9.43
CA THR B 335 -14.60 36.72 -8.16
C THR B 335 -13.60 35.93 -7.30
N VAL B 336 -13.80 34.59 -7.17
CA VAL B 336 -12.91 33.73 -6.39
C VAL B 336 -11.60 33.51 -7.17
N LYS B 337 -11.67 33.44 -8.50
CA LYS B 337 -10.50 33.27 -9.35
C LYS B 337 -9.61 34.51 -9.21
N ASP B 338 -10.25 35.70 -9.10
CA ASP B 338 -9.54 36.96 -8.88
C ASP B 338 -8.85 36.95 -7.53
N LEU B 339 -9.52 36.38 -6.49
CA LEU B 339 -8.96 36.25 -5.15
C LEU B 339 -7.75 35.33 -5.16
N ILE B 340 -7.90 34.09 -5.73
CA ILE B 340 -6.82 33.09 -5.83
C ILE B 340 -5.59 33.71 -6.44
N SER B 341 -5.78 34.37 -7.57
CA SER B 341 -4.78 35.05 -8.37
C SER B 341 -4.03 36.07 -7.54
N ARG B 342 -4.75 36.89 -6.78
CA ARG B 342 -4.17 37.96 -5.96
C ARG B 342 -3.46 37.41 -4.70
N LEU B 343 -3.70 36.13 -4.35
CA LEU B 343 -3.00 35.46 -3.25
C LEU B 343 -1.80 34.72 -3.81
N LEU B 344 -1.97 34.18 -5.04
CA LEU B 344 -0.93 33.45 -5.75
C LEU B 344 -0.20 34.41 -6.65
N GLN B 345 0.41 35.40 -5.98
CA GLN B 345 1.18 36.50 -6.54
C GLN B 345 2.64 36.28 -6.14
N VAL B 346 3.52 36.03 -7.12
CA VAL B 346 4.95 35.73 -6.91
C VAL B 346 5.65 36.86 -6.11
N ASP B 347 5.38 38.14 -6.46
CA ASP B 347 5.94 39.28 -5.76
C ASP B 347 5.25 39.41 -4.38
N PRO B 348 6.00 39.28 -3.26
CA PRO B 348 5.36 39.37 -1.93
C PRO B 348 4.79 40.75 -1.63
N GLU B 349 5.37 41.80 -2.25
CA GLU B 349 4.95 43.19 -2.09
C GLU B 349 3.63 43.43 -2.81
N ALA B 350 3.41 42.74 -3.94
CA ALA B 350 2.20 42.86 -4.75
C ALA B 350 1.09 41.92 -4.24
N ARG B 351 1.45 40.97 -3.35
CA ARG B 351 0.52 39.98 -2.81
C ARG B 351 -0.34 40.62 -1.74
N LEU B 352 -1.62 40.16 -1.66
CA LEU B 352 -2.63 40.59 -0.70
C LEU B 352 -2.26 40.25 0.73
N THR B 353 -2.50 41.18 1.67
CA THR B 353 -2.28 40.88 3.08
C THR B 353 -3.53 40.13 3.55
N ALA B 354 -3.58 39.64 4.82
CA ALA B 354 -4.77 38.93 5.28
C ALA B 354 -5.95 39.92 5.38
N GLU B 355 -5.69 41.15 5.86
CA GLU B 355 -6.69 42.20 6.02
C GLU B 355 -7.20 42.65 4.66
N GLN B 356 -6.31 42.74 3.65
CA GLN B 356 -6.66 43.09 2.28
C GLN B 356 -7.53 42.00 1.69
N ALA B 357 -7.13 40.72 1.84
CA ALA B 357 -7.89 39.55 1.34
C ALA B 357 -9.30 39.51 1.93
N LEU B 358 -9.44 39.88 3.22
CA LEU B 358 -10.73 39.88 3.89
C LEU B 358 -11.66 40.98 3.35
N GLN B 359 -11.11 42.06 2.77
CA GLN B 359 -11.91 43.15 2.18
C GLN B 359 -12.23 42.85 0.70
N HIS B 360 -11.78 41.66 0.15
CA HIS B 360 -12.04 41.23 -1.24
C HIS B 360 -13.53 41.04 -1.47
N PRO B 361 -14.08 41.42 -2.64
CA PRO B 361 -15.55 41.30 -2.84
C PRO B 361 -16.10 39.87 -2.67
N PHE B 362 -15.22 38.85 -2.52
CA PHE B 362 -15.62 37.46 -2.27
C PHE B 362 -16.21 37.32 -0.85
N PHE B 363 -15.73 38.13 0.09
CA PHE B 363 -16.18 38.06 1.47
C PHE B 363 -17.26 39.09 1.82
N GLU B 364 -17.79 39.82 0.82
CA GLU B 364 -18.92 40.72 1.11
C GLU B 364 -20.18 39.83 1.24
N ARG B 365 -20.92 39.98 2.35
CA ARG B 365 -22.11 39.17 2.63
C ARG B 365 -23.35 40.03 2.74
N GLU C 82 -6.84 -3.20 38.29
CA GLU C 82 -7.68 -2.57 39.32
C GLU C 82 -7.03 -1.30 39.92
N LEU C 83 -5.69 -1.09 39.65
CA LEU C 83 -4.96 0.14 40.08
C LEU C 83 -5.48 1.34 39.31
N PRO C 84 -5.44 2.57 39.88
CA PRO C 84 -5.79 3.75 39.07
C PRO C 84 -4.69 3.94 38.02
N ASP C 85 -5.00 4.56 36.84
CA ASP C 85 -4.03 4.74 35.75
C ASP C 85 -2.75 5.41 36.20
N TRP C 86 -2.85 6.43 37.07
CA TRP C 86 -1.68 7.16 37.55
C TRP C 86 -0.73 6.23 38.32
N ALA C 87 -1.25 5.23 39.07
CA ALA C 87 -0.48 4.29 39.91
C ALA C 87 0.28 3.31 39.07
N ALA C 88 -0.37 2.67 38.07
CA ALA C 88 0.27 1.72 37.17
C ALA C 88 1.43 2.39 36.41
N ALA C 89 1.19 3.62 35.88
CA ALA C 89 2.19 4.42 35.16
C ALA C 89 3.35 4.80 36.10
N LYS C 90 3.04 5.34 37.31
CA LYS C 90 4.03 5.73 38.31
C LYS C 90 4.92 4.55 38.69
N GLU C 91 4.31 3.40 39.09
CA GLU C 91 4.99 2.18 39.51
C GLU C 91 5.85 1.63 38.43
N PHE C 92 5.40 1.62 37.17
CA PHE C 92 6.21 1.12 36.07
C PHE C 92 7.43 2.02 35.80
N TYR C 93 7.20 3.34 35.56
CA TYR C 93 8.27 4.29 35.20
C TYR C 93 9.25 4.57 36.34
N GLN C 94 8.84 4.29 37.55
CA GLN C 94 9.73 4.49 38.68
C GLN C 94 10.71 3.32 38.82
N LYS C 95 10.23 2.10 38.51
CA LYS C 95 11.01 0.85 38.60
C LYS C 95 11.70 0.51 37.26
N TYR C 96 11.11 0.88 36.12
CA TYR C 96 11.69 0.55 34.81
C TYR C 96 11.96 1.72 33.90
N ASP C 97 13.06 1.58 33.12
CA ASP C 97 13.47 2.57 32.14
C ASP C 97 13.20 2.01 30.73
N PRO C 98 12.09 2.41 30.06
CA PRO C 98 11.82 1.88 28.71
C PRO C 98 12.79 2.45 27.66
N LYS C 99 13.21 1.60 26.73
CA LYS C 99 14.22 1.91 25.72
C LYS C 99 13.66 1.78 24.31
N ASP C 100 14.43 1.23 23.38
CA ASP C 100 14.06 1.08 21.97
C ASP C 100 12.87 0.13 21.76
N VAL C 101 12.02 0.49 20.78
CA VAL C 101 10.87 -0.26 20.30
C VAL C 101 11.40 -1.47 19.51
N ILE C 102 11.05 -2.69 19.92
CA ILE C 102 11.49 -3.93 19.25
C ILE C 102 10.28 -4.63 18.54
N GLY C 103 9.06 -4.15 18.78
CA GLY C 103 7.85 -4.67 18.19
C GLY C 103 6.65 -3.76 18.34
N ARG C 104 5.67 -3.91 17.45
CA ARG C 104 4.44 -3.11 17.41
C ARG C 104 3.25 -3.94 17.05
N GLY C 105 2.15 -3.63 17.69
CA GLY C 105 0.84 -4.23 17.45
C GLY C 105 -0.20 -3.16 17.27
N VAL C 106 -1.47 -3.57 17.11
CA VAL C 106 -2.60 -2.66 16.89
C VAL C 106 -2.71 -1.70 18.09
N SER C 107 -2.93 -2.25 19.31
CA SER C 107 -3.10 -1.48 20.53
C SER C 107 -1.94 -1.72 21.51
N SER C 108 -0.74 -2.05 20.99
CA SER C 108 0.42 -2.29 21.82
C SER C 108 1.75 -2.01 21.10
N VAL C 109 2.79 -1.84 21.92
CA VAL C 109 4.17 -1.65 21.51
C VAL C 109 5.03 -2.54 22.47
N VAL C 110 6.08 -3.13 21.92
CA VAL C 110 7.01 -3.92 22.72
C VAL C 110 8.33 -3.15 22.71
N ARG C 111 8.85 -2.87 23.90
CA ARG C 111 10.08 -2.13 24.05
C ARG C 111 11.06 -2.85 24.96
N ARG C 112 12.35 -2.68 24.68
CA ARG C 112 13.35 -3.15 25.60
C ARG C 112 13.26 -2.19 26.81
N CYS C 113 13.46 -2.69 28.02
CA CYS C 113 13.48 -1.83 29.19
C CYS C 113 14.58 -2.31 30.16
N VAL C 114 15.00 -1.42 31.04
CA VAL C 114 16.03 -1.69 32.04
C VAL C 114 15.41 -1.49 33.43
N HIS C 115 15.57 -2.49 34.29
CA HIS C 115 15.14 -2.43 35.68
C HIS C 115 16.15 -1.52 36.39
N ARG C 116 15.73 -0.29 36.69
CA ARG C 116 16.55 0.80 37.24
C ARG C 116 17.46 0.40 38.40
N ALA C 117 16.94 -0.34 39.40
CA ALA C 117 17.68 -0.73 40.60
C ALA C 117 18.82 -1.74 40.35
N THR C 118 18.66 -2.62 39.34
CA THR C 118 19.65 -3.67 39.07
C THR C 118 20.45 -3.48 37.78
N GLY C 119 19.87 -2.78 36.81
CA GLY C 119 20.48 -2.56 35.50
C GLY C 119 20.20 -3.70 34.53
N HIS C 120 19.38 -4.66 34.96
CA HIS C 120 19.05 -5.85 34.19
C HIS C 120 18.01 -5.53 33.14
N GLU C 121 18.11 -6.20 31.98
CA GLU C 121 17.25 -5.95 30.83
C GLU C 121 16.08 -6.92 30.66
N PHE C 122 14.96 -6.34 30.22
CA PHE C 122 13.72 -7.04 29.95
C PHE C 122 13.06 -6.46 28.71
N ALA C 123 11.88 -6.98 28.40
CA ALA C 123 11.00 -6.49 27.32
C ALA C 123 9.70 -6.15 27.96
N VAL C 124 9.11 -5.02 27.59
CA VAL C 124 7.83 -4.61 28.15
C VAL C 124 6.84 -4.47 27.01
N LYS C 125 5.68 -5.11 27.16
CA LYS C 125 4.53 -4.94 26.25
C LYS C 125 3.61 -3.96 26.93
N ILE C 126 3.37 -2.81 26.28
CA ILE C 126 2.48 -1.76 26.81
C ILE C 126 1.20 -1.84 25.97
N MET C 127 0.14 -2.36 26.59
CA MET C 127 -1.16 -2.50 25.96
C MET C 127 -2.01 -1.31 26.30
N GLU C 128 -2.49 -0.64 25.25
CA GLU C 128 -3.34 0.53 25.35
C GLU C 128 -4.78 0.03 25.09
N VAL C 129 -5.46 -0.34 26.18
CA VAL C 129 -6.80 -0.95 26.26
C VAL C 129 -7.90 -0.09 25.62
N THR C 130 -7.79 1.25 25.69
CA THR C 130 -8.81 2.16 25.19
C THR C 130 -8.36 2.91 23.92
N ALA C 131 -7.24 2.51 23.28
CA ALA C 131 -6.66 3.12 22.06
C ALA C 131 -7.60 3.00 20.84
N GLU C 132 -8.40 1.93 20.80
CA GLU C 132 -9.36 1.63 19.74
C GLU C 132 -10.75 2.13 20.14
N ARG C 133 -11.52 2.68 19.17
CA ARG C 133 -12.89 3.09 19.46
C ARG C 133 -13.75 1.82 19.44
N LEU C 134 -14.33 1.45 20.61
CA LEU C 134 -15.18 0.25 20.75
C LEU C 134 -16.38 0.53 21.65
N SER C 135 -17.48 -0.22 21.46
CA SER C 135 -18.70 -0.13 22.29
C SER C 135 -18.37 -0.55 23.75
N PRO C 136 -19.16 -0.17 24.78
CA PRO C 136 -18.81 -0.58 26.17
C PRO C 136 -18.78 -2.10 26.37
N GLU C 137 -19.59 -2.85 25.58
CA GLU C 137 -19.67 -4.31 25.60
C GLU C 137 -18.38 -4.91 25.02
N GLN C 138 -17.96 -4.41 23.82
CA GLN C 138 -16.75 -4.77 23.09
C GLN C 138 -15.50 -4.50 23.92
N LEU C 139 -15.55 -3.45 24.76
CA LEU C 139 -14.43 -3.06 25.62
C LEU C 139 -14.29 -4.04 26.77
N GLU C 140 -15.41 -4.45 27.37
CA GLU C 140 -15.38 -5.40 28.48
C GLU C 140 -14.95 -6.79 27.97
N GLU C 141 -15.18 -7.08 26.68
CA GLU C 141 -14.73 -8.32 26.03
C GLU C 141 -13.19 -8.32 25.96
N VAL C 142 -12.59 -7.16 25.58
CA VAL C 142 -11.13 -6.94 25.50
C VAL C 142 -10.51 -7.06 26.90
N ARG C 143 -11.17 -6.49 27.91
CA ARG C 143 -10.68 -6.52 29.30
C ARG C 143 -10.71 -7.95 29.87
N GLU C 144 -11.79 -8.69 29.61
CA GLU C 144 -11.94 -10.06 30.06
C GLU C 144 -10.93 -10.97 29.38
N ALA C 145 -10.68 -10.74 28.08
CA ALA C 145 -9.73 -11.54 27.33
C ALA C 145 -8.31 -11.32 27.80
N THR C 146 -7.91 -10.07 28.13
CA THR C 146 -6.54 -9.78 28.60
C THR C 146 -6.35 -10.37 30.00
N ARG C 147 -7.43 -10.47 30.81
CA ARG C 147 -7.42 -11.10 32.14
C ARG C 147 -7.17 -12.60 31.98
N ARG C 148 -7.84 -13.23 30.97
CA ARG C 148 -7.69 -14.63 30.63
C ARG C 148 -6.26 -14.94 30.28
N GLU C 149 -5.62 -14.06 29.48
CA GLU C 149 -4.25 -14.16 29.00
C GLU C 149 -3.24 -14.06 30.14
N THR C 150 -3.34 -13.03 31.01
CA THR C 150 -2.41 -12.82 32.13
C THR C 150 -2.50 -13.95 33.15
N HIS C 151 -3.71 -14.49 33.38
CA HIS C 151 -3.93 -15.65 34.26
C HIS C 151 -3.16 -16.87 33.71
N ILE C 152 -3.32 -17.17 32.41
CA ILE C 152 -2.62 -18.28 31.73
C ILE C 152 -1.09 -18.04 31.82
N LEU C 153 -0.61 -16.78 31.57
CA LEU C 153 0.80 -16.43 31.62
C LEU C 153 1.43 -16.65 32.97
N ARG C 154 0.63 -16.46 34.06
CA ARG C 154 1.11 -16.71 35.42
C ARG C 154 1.21 -18.20 35.70
N GLN C 155 0.33 -19.01 35.10
CA GLN C 155 0.31 -20.47 35.27
C GLN C 155 1.50 -21.12 34.67
N VAL C 156 1.90 -20.69 33.47
CA VAL C 156 2.98 -21.27 32.68
C VAL C 156 4.35 -20.56 32.90
N ALA C 157 4.38 -19.48 33.70
CA ALA C 157 5.64 -18.79 34.05
C ALA C 157 6.51 -19.76 34.83
N GLY C 158 7.71 -19.98 34.34
CA GLY C 158 8.65 -20.92 34.94
C GLY C 158 9.19 -21.91 33.95
N HIS C 159 8.37 -22.29 32.95
CA HIS C 159 8.75 -23.22 31.90
C HIS C 159 9.89 -22.63 31.05
N PRO C 160 10.98 -23.40 30.81
CA PRO C 160 12.14 -22.86 30.07
C PRO C 160 11.88 -22.47 28.62
N HIS C 161 10.81 -23.03 27.98
CA HIS C 161 10.54 -22.70 26.59
C HIS C 161 9.21 -21.99 26.37
N ILE C 162 8.77 -21.26 27.40
CA ILE C 162 7.59 -20.40 27.35
C ILE C 162 8.04 -19.03 27.86
N ILE C 163 7.56 -17.94 27.25
CA ILE C 163 7.86 -16.58 27.69
C ILE C 163 7.44 -16.39 29.18
N THR C 164 8.29 -15.73 29.98
CA THR C 164 8.05 -15.53 31.39
C THR C 164 7.51 -14.14 31.64
N LEU C 165 6.34 -14.05 32.31
CA LEU C 165 5.80 -12.76 32.73
C LEU C 165 6.48 -12.45 34.06
N ILE C 166 7.42 -11.48 34.04
CA ILE C 166 8.25 -11.09 35.17
C ILE C 166 7.52 -10.17 36.14
N ASP C 167 6.66 -9.32 35.59
CA ASP C 167 6.01 -8.22 36.30
C ASP C 167 4.84 -7.69 35.47
N SER C 168 3.87 -7.07 36.15
CA SER C 168 2.72 -6.49 35.50
C SER C 168 2.20 -5.33 36.33
N TYR C 169 1.74 -4.30 35.60
CA TYR C 169 1.15 -3.09 36.15
C TYR C 169 -0.10 -2.90 35.37
N GLU C 170 -1.22 -3.17 36.00
CA GLU C 170 -2.50 -3.14 35.33
C GLU C 170 -3.40 -2.08 35.88
N SER C 171 -4.00 -1.31 34.96
CA SER C 171 -4.99 -0.28 35.27
C SER C 171 -6.13 -0.45 34.29
N SER C 172 -7.14 0.41 34.38
CA SER C 172 -8.31 0.38 33.49
C SER C 172 -7.93 0.61 32.02
N SER C 173 -7.12 1.67 31.76
CA SER C 173 -6.69 2.12 30.43
C SER C 173 -5.48 1.35 29.85
N PHE C 174 -4.52 0.95 30.68
CA PHE C 174 -3.38 0.23 30.14
C PHE C 174 -2.89 -0.89 31.04
N MET C 175 -1.97 -1.69 30.46
CA MET C 175 -1.31 -2.86 30.98
C MET C 175 0.18 -2.81 30.62
N PHE C 176 1.05 -2.84 31.62
CA PHE C 176 2.49 -2.89 31.40
C PHE C 176 2.91 -4.29 31.77
N LEU C 177 3.25 -5.10 30.76
CA LEU C 177 3.65 -6.51 30.97
C LEU C 177 5.13 -6.66 30.73
N VAL C 178 5.89 -7.00 31.78
CA VAL C 178 7.35 -7.17 31.70
C VAL C 178 7.66 -8.64 31.49
N PHE C 179 8.46 -8.93 30.46
CA PHE C 179 8.84 -10.29 30.07
C PHE C 179 10.32 -10.46 29.93
N ASP C 180 10.74 -11.70 29.55
CA ASP C 180 12.10 -11.98 29.15
C ASP C 180 12.41 -11.21 27.89
N LEU C 181 13.62 -10.69 27.78
CA LEU C 181 14.05 -10.04 26.55
C LEU C 181 14.64 -11.13 25.65
N MET C 182 14.05 -11.36 24.47
CA MET C 182 14.52 -12.40 23.51
C MET C 182 15.21 -11.67 22.42
N ARG C 183 16.54 -11.56 22.55
CA ARG C 183 17.42 -10.72 21.76
C ARG C 183 17.52 -11.07 20.24
N LYS C 184 17.18 -12.29 19.83
CA LYS C 184 17.22 -12.62 18.40
C LYS C 184 15.80 -12.47 17.75
N GLY C 185 14.85 -11.92 18.51
CA GLY C 185 13.48 -11.63 18.07
C GLY C 185 12.64 -12.83 17.68
N GLU C 186 11.78 -12.64 16.66
CA GLU C 186 10.88 -13.67 16.15
C GLU C 186 11.57 -14.65 15.23
N LEU C 187 11.17 -15.93 15.37
CA LEU C 187 11.65 -17.04 14.56
C LEU C 187 11.33 -16.78 13.11
N PHE C 188 10.19 -16.08 12.84
CA PHE C 188 9.75 -15.71 11.49
C PHE C 188 10.82 -14.87 10.77
N ASP C 189 11.39 -13.85 11.45
CA ASP C 189 12.40 -12.95 10.89
C ASP C 189 13.73 -13.67 10.70
N TYR C 190 14.02 -14.65 11.57
CA TYR C 190 15.19 -15.50 11.45
C TYR C 190 15.07 -16.38 10.19
N LEU C 191 13.86 -16.96 9.96
CA LEU C 191 13.57 -17.80 8.80
C LEU C 191 13.68 -16.97 7.53
N THR C 192 13.21 -15.71 7.55
CA THR C 192 13.33 -14.82 6.40
C THR C 192 14.81 -14.64 6.03
N GLU C 193 15.67 -14.37 7.03
CA GLU C 193 17.10 -14.17 6.87
C GLU C 193 17.81 -15.44 6.34
N LYS C 194 17.54 -16.60 6.95
CA LYS C 194 18.17 -17.87 6.56
C LYS C 194 17.50 -18.54 5.36
N VAL C 195 16.29 -18.08 4.96
CA VAL C 195 15.45 -18.58 3.86
C VAL C 195 14.80 -19.93 4.27
N ALA C 196 15.63 -20.95 4.60
CA ALA C 196 15.23 -22.28 5.05
C ALA C 196 16.23 -22.80 6.05
N LEU C 197 15.77 -23.54 7.07
CA LEU C 197 16.68 -24.05 8.11
C LEU C 197 17.10 -25.49 7.87
N SER C 198 18.19 -25.89 8.55
CA SER C 198 18.71 -27.26 8.52
C SER C 198 17.86 -28.13 9.43
N GLU C 199 17.86 -29.46 9.20
CA GLU C 199 17.15 -30.42 10.06
C GLU C 199 17.72 -30.42 11.49
N LYS C 200 19.04 -30.16 11.64
CA LYS C 200 19.70 -30.08 12.94
C LYS C 200 19.12 -28.91 13.78
N GLU C 201 19.03 -27.70 13.18
CA GLU C 201 18.48 -26.50 13.84
C GLU C 201 16.94 -26.60 14.00
N THR C 202 16.24 -27.19 13.02
CA THR C 202 14.80 -27.41 13.04
C THR C 202 14.46 -28.41 14.19
N ARG C 203 15.26 -29.49 14.36
CA ARG C 203 15.09 -30.50 15.41
C ARG C 203 15.08 -29.84 16.79
N SER C 204 16.09 -28.96 17.04
CA SER C 204 16.30 -28.20 18.26
C SER C 204 15.11 -27.28 18.56
N ILE C 205 14.59 -26.56 17.52
CA ILE C 205 13.44 -25.65 17.65
C ILE C 205 12.15 -26.46 17.90
N MET C 206 11.90 -27.50 17.08
CA MET C 206 10.70 -28.32 17.20
C MET C 206 10.62 -29.07 18.52
N ARG C 207 11.76 -29.61 19.04
CA ARG C 207 11.79 -30.31 20.32
C ARG C 207 11.32 -29.39 21.44
N SER C 208 11.92 -28.20 21.53
CA SER C 208 11.58 -27.15 22.49
C SER C 208 10.09 -26.76 22.36
N LEU C 209 9.60 -26.53 21.13
CA LEU C 209 8.20 -26.16 20.81
C LEU C 209 7.21 -27.22 21.30
N LEU C 210 7.46 -28.50 20.95
CA LEU C 210 6.61 -29.62 21.31
C LEU C 210 6.65 -29.89 22.82
N GLU C 211 7.79 -29.59 23.48
CA GLU C 211 7.90 -29.73 24.92
C GLU C 211 6.98 -28.71 25.59
N ALA C 212 6.99 -27.46 25.09
CA ALA C 212 6.15 -26.36 25.56
C ALA C 212 4.68 -26.70 25.35
N VAL C 213 4.33 -27.23 24.15
CA VAL C 213 2.97 -27.62 23.79
C VAL C 213 2.49 -28.78 24.73
N SER C 214 3.34 -29.78 24.97
CA SER C 214 3.03 -30.91 25.86
C SER C 214 2.73 -30.43 27.29
N PHE C 215 3.51 -29.44 27.78
CA PHE C 215 3.34 -28.86 29.10
C PHE C 215 1.97 -28.14 29.19
N LEU C 216 1.69 -27.26 28.22
CA LEU C 216 0.44 -26.50 28.11
C LEU C 216 -0.73 -27.46 28.14
N HIS C 217 -0.65 -28.54 27.32
CA HIS C 217 -1.69 -29.55 27.17
C HIS C 217 -1.93 -30.34 28.48
N ALA C 218 -0.85 -30.71 29.19
CA ALA C 218 -0.91 -31.43 30.47
C ALA C 218 -1.61 -30.58 31.53
N ASN C 219 -1.54 -29.26 31.36
CA ASN C 219 -2.16 -28.23 32.19
C ASN C 219 -3.48 -27.74 31.57
N ASN C 220 -3.99 -28.48 30.59
CA ASN C 220 -5.28 -28.26 29.92
C ASN C 220 -5.41 -26.85 29.27
N ILE C 221 -4.33 -26.37 28.65
CA ILE C 221 -4.26 -25.12 27.94
C ILE C 221 -4.00 -25.40 26.47
N VAL C 222 -4.81 -24.77 25.59
CA VAL C 222 -4.65 -24.86 24.13
C VAL C 222 -4.17 -23.45 23.69
N HIS C 223 -3.02 -23.36 22.98
CA HIS C 223 -2.39 -22.09 22.57
C HIS C 223 -3.24 -21.36 21.52
N ARG C 224 -3.67 -22.09 20.46
CA ARG C 224 -4.61 -21.72 19.40
C ARG C 224 -4.06 -20.72 18.38
N ASP C 225 -2.71 -20.47 18.42
CA ASP C 225 -2.09 -19.54 17.47
C ASP C 225 -0.58 -19.79 17.34
N LEU C 226 -0.17 -21.05 17.29
CA LEU C 226 1.23 -21.39 17.08
C LEU C 226 1.67 -21.05 15.65
N LYS C 227 2.72 -20.24 15.49
CA LYS C 227 3.29 -19.83 14.19
C LYS C 227 4.69 -19.22 14.42
N PRO C 228 5.58 -19.13 13.40
CA PRO C 228 6.94 -18.58 13.65
C PRO C 228 6.97 -17.16 14.24
N GLU C 229 5.90 -16.38 14.06
CA GLU C 229 5.80 -15.00 14.57
C GLU C 229 5.61 -14.97 16.09
N ASN C 230 5.10 -16.08 16.65
CA ASN C 230 4.79 -16.25 18.06
C ASN C 230 5.84 -17.09 18.81
N ILE C 231 6.97 -17.37 18.14
CA ILE C 231 8.10 -18.11 18.70
C ILE C 231 9.27 -17.14 18.70
N LEU C 232 9.83 -16.90 19.90
CA LEU C 232 10.93 -15.96 20.09
C LEU C 232 12.24 -16.67 20.34
N LEU C 233 13.36 -16.04 19.92
CA LEU C 233 14.70 -16.61 20.07
C LEU C 233 15.63 -15.76 20.87
N ASP C 234 16.56 -16.42 21.56
CA ASP C 234 17.62 -15.71 22.28
C ASP C 234 18.94 -15.81 21.49
N ASP C 235 20.04 -15.34 22.09
CA ASP C 235 21.36 -15.36 21.43
C ASP C 235 21.91 -16.78 21.30
N ASN C 236 21.49 -17.69 22.21
CA ASN C 236 21.89 -19.11 22.22
C ASN C 236 21.00 -19.94 21.31
N MET C 237 20.11 -19.27 20.54
CA MET C 237 19.17 -19.87 19.61
C MET C 237 18.13 -20.71 20.35
N GLN C 238 17.85 -20.36 21.62
CA GLN C 238 16.86 -21.07 22.44
C GLN C 238 15.52 -20.40 22.24
N ILE C 239 14.47 -21.20 22.04
CA ILE C 239 13.15 -20.67 21.74
C ILE C 239 12.30 -20.51 22.98
N ARG C 240 11.41 -19.52 22.96
CA ARG C 240 10.41 -19.29 23.98
C ARG C 240 9.11 -18.95 23.27
N LEU C 241 8.10 -19.78 23.48
CA LEU C 241 6.75 -19.60 22.93
C LEU C 241 6.05 -18.41 23.61
N SER C 242 5.48 -17.52 22.79
CA SER C 242 4.79 -16.29 23.25
C SER C 242 3.38 -16.17 22.67
N ASP C 243 2.78 -14.98 22.79
CA ASP C 243 1.49 -14.54 22.27
C ASP C 243 0.38 -15.52 22.60
N PHE C 244 -0.05 -15.50 23.87
CA PHE C 244 -1.11 -16.35 24.44
C PHE C 244 -2.49 -15.67 24.40
N GLY C 245 -2.66 -14.70 23.49
CA GLY C 245 -3.89 -13.95 23.30
C GLY C 245 -5.09 -14.78 22.87
N PHE C 246 -4.84 -15.94 22.23
CA PHE C 246 -5.92 -16.82 21.78
C PHE C 246 -6.06 -18.06 22.66
N SER C 247 -5.14 -18.25 23.63
CA SER C 247 -5.08 -19.38 24.56
C SER C 247 -6.26 -19.43 25.45
N CYS C 248 -6.59 -20.64 25.88
CA CYS C 248 -7.71 -20.88 26.79
C CYS C 248 -7.57 -22.21 27.48
N HIS C 249 -8.33 -22.36 28.56
CA HIS C 249 -8.37 -23.64 29.26
C HIS C 249 -9.33 -24.56 28.53
N LEU C 250 -9.03 -25.82 28.49
CA LEU C 250 -9.92 -26.77 27.88
C LEU C 250 -9.99 -28.02 28.74
N GLU C 251 -11.16 -28.23 29.38
CA GLU C 251 -11.46 -29.41 30.21
C GLU C 251 -11.30 -30.69 29.37
N PRO C 252 -10.59 -31.74 29.84
CA PRO C 252 -10.51 -32.96 29.02
C PRO C 252 -11.93 -33.53 28.74
N GLY C 253 -12.18 -33.84 27.47
CA GLY C 253 -13.50 -34.28 27.00
C GLY C 253 -14.27 -33.19 26.29
N GLU C 254 -14.09 -31.93 26.73
CA GLU C 254 -14.76 -30.75 26.18
C GLU C 254 -14.14 -30.32 24.81
N LYS C 255 -14.93 -29.60 23.96
CA LYS C 255 -14.54 -29.12 22.64
C LYS C 255 -14.77 -27.59 22.50
N LEU C 256 -13.96 -26.96 21.61
CA LEU C 256 -14.04 -25.53 21.30
C LEU C 256 -14.61 -25.30 19.91
N ARG C 257 -15.05 -24.07 19.62
CA ARG C 257 -15.65 -23.73 18.34
C ARG C 257 -15.19 -22.39 17.79
N GLU C 258 -14.69 -21.51 18.64
CA GLU C 258 -14.22 -20.18 18.27
C GLU C 258 -13.17 -20.24 17.13
N LEU C 259 -13.41 -19.43 16.11
CA LEU C 259 -12.46 -19.30 15.02
C LEU C 259 -11.45 -18.25 15.43
N CYS C 260 -10.22 -18.70 15.64
CA CYS C 260 -9.12 -17.81 15.93
C CYS C 260 -7.84 -18.46 15.48
N GLY C 261 -6.82 -17.63 15.28
CA GLY C 261 -5.54 -18.08 14.78
C GLY C 261 -5.32 -17.57 13.37
N THR C 262 -4.16 -17.89 12.79
CA THR C 262 -3.77 -17.46 11.44
C THR C 262 -4.29 -18.51 10.44
N PRO C 263 -4.98 -18.07 9.36
CA PRO C 263 -5.58 -19.04 8.42
C PRO C 263 -4.67 -20.15 7.88
N GLY C 264 -3.44 -19.82 7.52
CA GLY C 264 -2.48 -20.80 7.00
C GLY C 264 -2.08 -21.88 7.98
N TYR C 265 -2.23 -21.61 9.28
CA TYR C 265 -1.86 -22.50 10.39
C TYR C 265 -3.07 -23.23 11.02
N LEU C 266 -4.30 -22.92 10.57
CA LEU C 266 -5.53 -23.52 11.11
C LEU C 266 -5.69 -24.97 10.72
N ALA C 267 -6.05 -25.82 11.70
CA ALA C 267 -6.31 -27.24 11.47
C ALA C 267 -7.62 -27.43 10.65
N PRO C 268 -7.79 -28.55 9.91
CA PRO C 268 -9.04 -28.73 9.14
C PRO C 268 -10.31 -28.67 10.01
N GLU C 269 -10.26 -29.25 11.22
CA GLU C 269 -11.41 -29.30 12.12
C GLU C 269 -11.87 -27.91 12.56
N ILE C 270 -10.97 -26.88 12.57
CA ILE C 270 -11.38 -25.52 12.94
C ILE C 270 -12.23 -24.95 11.79
N LEU C 271 -11.77 -25.16 10.54
CA LEU C 271 -12.47 -24.68 9.34
C LEU C 271 -13.79 -25.36 9.16
N LYS C 272 -13.78 -26.71 9.20
CA LYS C 272 -14.95 -27.57 9.13
C LYS C 272 -15.99 -27.13 10.17
N CYS C 273 -15.49 -26.79 11.36
CA CYS C 273 -16.22 -26.37 12.53
C CYS C 273 -16.86 -24.98 12.35
N SER C 274 -16.11 -24.04 11.77
CA SER C 274 -16.56 -22.67 11.62
C SER C 274 -17.48 -22.51 10.43
N MET C 275 -17.42 -23.44 9.46
CA MET C 275 -18.26 -23.42 8.26
C MET C 275 -19.49 -24.28 8.44
N ASP C 276 -19.37 -25.38 9.22
CA ASP C 276 -20.45 -26.31 9.51
C ASP C 276 -20.71 -26.45 11.03
N GLU C 277 -21.84 -25.90 11.49
CA GLU C 277 -22.31 -25.98 12.89
C GLU C 277 -22.44 -27.47 13.37
N THR C 278 -22.73 -28.44 12.47
CA THR C 278 -22.89 -29.85 12.86
C THR C 278 -21.56 -30.51 13.19
N HIS C 279 -20.42 -29.89 12.79
CA HIS C 279 -19.11 -30.43 13.11
C HIS C 279 -18.90 -30.42 14.65
N PRO C 280 -18.41 -31.54 15.25
CA PRO C 280 -18.30 -31.63 16.73
C PRO C 280 -17.42 -30.61 17.49
N GLY C 281 -16.52 -29.92 16.80
CA GLY C 281 -15.68 -28.97 17.50
C GLY C 281 -14.24 -29.42 17.54
N TYR C 282 -13.37 -28.61 18.13
CA TYR C 282 -11.96 -28.97 18.13
C TYR C 282 -11.36 -28.98 19.54
N GLY C 283 -10.19 -29.59 19.67
CA GLY C 283 -9.47 -29.69 20.92
C GLY C 283 -8.04 -29.23 20.85
N LYS C 284 -7.19 -29.84 21.69
CA LYS C 284 -5.77 -29.50 21.78
C LYS C 284 -4.94 -29.95 20.54
N GLU C 285 -5.50 -30.85 19.73
CA GLU C 285 -4.87 -31.42 18.51
C GLU C 285 -4.57 -30.34 17.46
N VAL C 286 -5.30 -29.21 17.52
CA VAL C 286 -5.14 -28.08 16.59
C VAL C 286 -3.75 -27.47 16.68
N ASP C 287 -3.16 -27.49 17.87
CA ASP C 287 -1.80 -26.98 18.09
C ASP C 287 -0.74 -27.83 17.37
N LEU C 288 -1.02 -29.14 17.29
CA LEU C 288 -0.11 -30.09 16.69
C LEU C 288 -0.20 -30.05 15.18
N TRP C 289 -1.35 -29.66 14.61
CA TRP C 289 -1.46 -29.39 13.18
C TRP C 289 -0.60 -28.14 12.83
N ALA C 290 -0.71 -27.09 13.67
CA ALA C 290 0.07 -25.84 13.54
C ALA C 290 1.56 -26.15 13.64
N CYS C 291 1.96 -27.09 14.54
CA CYS C 291 3.35 -27.55 14.68
C CYS C 291 3.83 -28.16 13.37
N GLY C 292 2.97 -28.97 12.74
CA GLY C 292 3.23 -29.59 11.45
C GLY C 292 3.46 -28.57 10.35
N VAL C 293 2.65 -27.49 10.35
CA VAL C 293 2.75 -26.37 9.41
C VAL C 293 4.08 -25.63 9.67
N ILE C 294 4.42 -25.39 10.96
CA ILE C 294 5.65 -24.70 11.33
C ILE C 294 6.85 -25.51 10.82
N LEU C 295 6.91 -26.81 11.17
CA LEU C 295 7.96 -27.76 10.79
C LEU C 295 8.19 -27.74 9.28
N PHE C 296 7.10 -27.82 8.47
CA PHE C 296 7.16 -27.78 7.02
C PHE C 296 7.80 -26.48 6.55
N THR C 297 7.28 -25.33 7.04
CA THR C 297 7.69 -23.98 6.68
C THR C 297 9.18 -23.72 7.01
N LEU C 298 9.67 -24.21 8.17
CA LEU C 298 11.08 -24.01 8.57
C LEU C 298 12.03 -24.66 7.58
N LEU C 299 11.67 -25.87 7.12
CA LEU C 299 12.48 -26.64 6.18
C LEU C 299 12.33 -26.16 4.75
N ALA C 300 11.07 -25.91 4.28
CA ALA C 300 10.81 -25.49 2.89
C ALA C 300 11.08 -24.00 2.65
N GLY C 301 10.86 -23.16 3.66
CA GLY C 301 10.98 -21.71 3.54
C GLY C 301 9.72 -21.10 2.95
N SER C 302 8.67 -21.93 2.79
CA SER C 302 7.36 -21.59 2.26
C SER C 302 6.31 -22.48 2.97
N PRO C 303 5.02 -22.03 3.07
CA PRO C 303 4.03 -22.84 3.80
C PRO C 303 3.47 -24.00 2.98
N PRO C 304 2.95 -25.07 3.63
CA PRO C 304 2.40 -26.21 2.85
C PRO C 304 1.11 -25.89 2.10
N PHE C 305 0.33 -24.96 2.64
CA PHE C 305 -0.93 -24.53 2.06
C PHE C 305 -0.92 -23.02 1.89
N TRP C 306 -1.12 -22.60 0.64
CA TRP C 306 -1.19 -21.23 0.19
C TRP C 306 -1.79 -21.17 -1.23
N HIS C 307 -2.48 -20.05 -1.48
CA HIS C 307 -3.08 -19.70 -2.76
C HIS C 307 -3.33 -18.19 -2.78
N ARG C 308 -3.26 -17.58 -3.97
CA ARG C 308 -3.57 -16.17 -4.22
C ARG C 308 -4.94 -15.86 -3.63
N ARG C 309 -5.93 -16.75 -3.88
CA ARG C 309 -7.29 -16.70 -3.37
C ARG C 309 -7.41 -17.57 -2.09
N GLN C 310 -7.67 -16.93 -0.94
CA GLN C 310 -7.81 -17.52 0.41
C GLN C 310 -8.83 -18.67 0.46
N ILE C 311 -9.94 -18.56 -0.30
CA ILE C 311 -11.01 -19.55 -0.33
C ILE C 311 -10.49 -20.91 -0.90
N LEU C 312 -9.57 -20.85 -1.88
CA LEU C 312 -9.01 -22.06 -2.49
C LEU C 312 -7.98 -22.69 -1.54
N MET C 313 -7.36 -21.88 -0.66
CA MET C 313 -6.44 -22.35 0.38
C MET C 313 -7.20 -23.22 1.40
N LEU C 314 -8.46 -22.84 1.71
CA LEU C 314 -9.34 -23.53 2.65
C LEU C 314 -9.62 -24.97 2.21
N ARG C 315 -9.77 -25.28 0.89
CA ARG C 315 -9.99 -26.71 0.53
C ARG C 315 -8.69 -27.52 0.63
N MET C 316 -7.53 -26.93 0.29
CA MET C 316 -6.23 -27.62 0.40
C MET C 316 -5.93 -27.97 1.86
N ILE C 317 -6.33 -27.07 2.81
CA ILE C 317 -6.16 -27.33 4.25
C ILE C 317 -7.08 -28.50 4.66
N MET C 318 -8.39 -28.38 4.34
CA MET C 318 -9.42 -29.34 4.72
C MET C 318 -9.24 -30.71 4.11
N GLU C 319 -8.68 -30.79 2.88
CA GLU C 319 -8.39 -32.09 2.23
C GLU C 319 -6.96 -32.54 2.56
N GLY C 320 -6.20 -31.70 3.26
CA GLY C 320 -4.82 -31.96 3.65
C GLY C 320 -3.93 -32.12 2.43
N GLN C 321 -4.17 -31.29 1.40
CA GLN C 321 -3.44 -31.31 0.14
C GLN C 321 -2.17 -30.44 0.19
N TYR C 322 -1.05 -31.13 0.36
CA TYR C 322 0.28 -30.54 0.38
C TYR C 322 1.23 -31.49 -0.31
N GLN C 323 2.41 -31.01 -0.72
CA GLN C 323 3.38 -31.83 -1.41
C GLN C 323 4.81 -31.46 -1.02
N PHE C 324 5.71 -32.46 -1.05
CA PHE C 324 7.13 -32.28 -0.80
C PHE C 324 7.78 -32.06 -2.16
N SER C 325 7.61 -30.84 -2.72
CA SER C 325 8.08 -30.40 -4.04
C SER C 325 9.59 -30.66 -4.21
N SER C 326 9.94 -31.38 -5.31
CA SER C 326 11.27 -31.85 -5.73
C SER C 326 12.45 -30.84 -5.54
N PRO C 327 12.40 -29.52 -5.89
CA PRO C 327 13.61 -28.69 -5.71
C PRO C 327 14.02 -28.48 -4.23
N GLU C 328 13.08 -28.08 -3.34
CA GLU C 328 13.36 -27.75 -1.94
C GLU C 328 13.31 -28.96 -0.97
N TRP C 329 12.61 -30.06 -1.31
CA TRP C 329 12.45 -31.21 -0.43
C TRP C 329 13.36 -32.39 -0.81
N ASP C 330 14.22 -32.16 -1.81
CA ASP C 330 15.15 -33.15 -2.39
C ASP C 330 16.04 -33.88 -1.34
N ASP C 331 16.91 -33.13 -0.62
CA ASP C 331 17.85 -33.74 0.33
C ASP C 331 17.31 -33.86 1.77
N ARG C 332 16.02 -33.55 1.99
CA ARG C 332 15.40 -33.65 3.31
C ARG C 332 15.12 -35.12 3.66
N SER C 333 15.46 -35.54 4.89
CA SER C 333 15.27 -36.92 5.33
C SER C 333 13.80 -37.40 5.24
N SER C 334 13.62 -38.71 5.05
CA SER C 334 12.29 -39.34 5.01
C SER C 334 11.67 -39.34 6.42
N THR C 335 12.56 -39.33 7.45
CA THR C 335 12.25 -39.31 8.88
C THR C 335 11.45 -38.04 9.26
N VAL C 336 11.89 -36.86 8.76
CA VAL C 336 11.19 -35.59 9.04
C VAL C 336 9.89 -35.52 8.21
N LYS C 337 9.92 -36.10 6.98
CA LYS C 337 8.75 -36.14 6.11
C LYS C 337 7.67 -37.00 6.76
N ASP C 338 8.10 -38.08 7.45
CA ASP C 338 7.20 -38.95 8.20
C ASP C 338 6.57 -38.19 9.38
N LEU C 339 7.34 -37.34 10.06
CA LEU C 339 6.90 -36.54 11.18
C LEU C 339 5.88 -35.49 10.72
N ILE C 340 6.16 -34.79 9.58
CA ILE C 340 5.25 -33.80 9.01
C ILE C 340 3.95 -34.53 8.63
N SER C 341 4.05 -35.69 7.95
CA SER C 341 2.90 -36.50 7.54
C SER C 341 1.99 -36.88 8.74
N ARG C 342 2.61 -37.20 9.89
CA ARG C 342 1.93 -37.63 11.11
C ARG C 342 1.38 -36.46 11.94
N LEU C 343 1.91 -35.25 11.72
CA LEU C 343 1.42 -34.02 12.34
C LEU C 343 0.36 -33.42 11.39
N LEU C 344 0.65 -33.36 10.06
CA LEU C 344 -0.31 -32.86 9.08
C LEU C 344 -1.34 -33.97 8.73
N GLN C 345 -2.04 -34.45 9.76
CA GLN C 345 -3.07 -35.49 9.68
C GLN C 345 -4.45 -34.84 9.89
N VAL C 346 -5.31 -34.88 8.85
CA VAL C 346 -6.64 -34.27 8.84
C VAL C 346 -7.50 -34.77 10.02
N ASP C 347 -7.49 -36.09 10.27
CA ASP C 347 -8.24 -36.68 11.36
C ASP C 347 -7.54 -36.35 12.69
N PRO C 348 -8.19 -35.59 13.61
CA PRO C 348 -7.53 -35.25 14.87
C PRO C 348 -7.24 -36.47 15.77
N GLU C 349 -8.06 -37.54 15.62
CA GLU C 349 -7.93 -38.80 16.36
C GLU C 349 -6.72 -39.58 15.86
N ALA C 350 -6.43 -39.50 14.54
CA ALA C 350 -5.29 -40.17 13.92
C ALA C 350 -3.96 -39.34 14.04
N ARG C 351 -4.08 -38.07 14.49
CA ARG C 351 -2.98 -37.12 14.64
C ARG C 351 -2.16 -37.38 15.90
N LEU C 352 -0.84 -37.16 15.80
CA LEU C 352 0.14 -37.28 16.88
C LEU C 352 -0.08 -36.28 17.99
N THR C 353 0.05 -36.72 19.26
CA THR C 353 -0.03 -35.81 20.40
C THR C 353 1.37 -35.16 20.50
N ALA C 354 1.57 -34.19 21.40
CA ALA C 354 2.90 -33.59 21.53
C ALA C 354 3.89 -34.61 22.11
N GLU C 355 3.43 -35.45 23.08
CA GLU C 355 4.24 -36.49 23.72
C GLU C 355 4.61 -37.55 22.71
N GLN C 356 3.67 -37.90 21.81
CA GLN C 356 3.88 -38.87 20.74
C GLN C 356 4.92 -38.33 19.77
N ALA C 357 4.73 -37.06 19.33
CA ALA C 357 5.66 -36.39 18.40
C ALA C 357 7.08 -36.35 18.96
N LEU C 358 7.22 -36.13 20.26
CA LEU C 358 8.51 -36.06 20.93
C LEU C 358 9.21 -37.41 20.99
N GLN C 359 8.45 -38.53 20.96
CA GLN C 359 9.11 -39.82 21.00
C GLN C 359 9.34 -40.35 19.55
N HIS C 360 9.10 -39.45 18.54
CA HIS C 360 9.34 -39.73 17.13
C HIS C 360 10.84 -39.87 16.87
N PRO C 361 11.27 -40.83 16.00
CA PRO C 361 12.71 -41.00 15.75
C PRO C 361 13.43 -39.76 15.21
N PHE C 362 12.68 -38.74 14.71
CA PHE C 362 13.28 -37.50 14.21
C PHE C 362 14.13 -36.87 15.29
N PHE C 363 13.65 -36.90 16.56
CA PHE C 363 14.29 -36.34 17.75
C PHE C 363 15.33 -37.30 18.40
N GLU C 364 15.41 -38.57 17.94
CA GLU C 364 16.44 -39.51 18.41
C GLU C 364 17.81 -39.21 17.72
N ARG C 365 17.97 -37.95 17.17
CA ARG C 365 19.10 -37.39 16.41
C ARG C 365 19.26 -38.14 15.07
N GLU D 82 5.75 8.61 -36.64
CA GLU D 82 6.38 8.26 -37.91
C GLU D 82 5.42 7.37 -38.73
N LEU D 83 5.65 6.05 -38.67
CA LEU D 83 4.86 4.97 -39.28
C LEU D 83 3.40 4.97 -38.78
N PRO D 84 2.39 4.41 -39.52
CA PRO D 84 1.08 4.19 -38.88
C PRO D 84 1.24 3.16 -37.75
N ASP D 85 0.31 3.13 -36.80
CA ASP D 85 0.35 2.22 -35.66
C ASP D 85 0.44 0.77 -36.08
N TRP D 86 -0.33 0.35 -37.11
CA TRP D 86 -0.32 -1.04 -37.58
C TRP D 86 1.08 -1.46 -38.08
N ALA D 87 1.84 -0.53 -38.69
CA ALA D 87 3.17 -0.82 -39.25
C ALA D 87 4.23 -1.03 -38.15
N ALA D 88 4.27 -0.14 -37.13
CA ALA D 88 5.23 -0.25 -36.03
C ALA D 88 4.98 -1.57 -35.25
N ALA D 89 3.69 -1.90 -35.01
CA ALA D 89 3.25 -3.12 -34.35
C ALA D 89 3.62 -4.34 -35.20
N LYS D 90 3.31 -4.33 -36.53
CA LYS D 90 3.62 -5.43 -37.45
C LYS D 90 5.13 -5.72 -37.46
N GLU D 91 5.97 -4.69 -37.66
CA GLU D 91 7.42 -4.80 -37.74
C GLU D 91 8.02 -5.35 -36.45
N PHE D 92 7.50 -4.91 -35.30
CA PHE D 92 7.98 -5.41 -34.02
C PHE D 92 7.58 -6.87 -33.80
N TYR D 93 6.26 -7.20 -33.89
CA TYR D 93 5.74 -8.54 -33.60
C TYR D 93 6.14 -9.56 -34.65
N GLN D 94 6.58 -9.10 -35.83
CA GLN D 94 7.04 -10.02 -36.88
C GLN D 94 8.44 -10.50 -36.54
N LYS D 95 9.28 -9.62 -35.93
CA LYS D 95 10.66 -9.94 -35.58
C LYS D 95 10.79 -10.53 -34.17
N TYR D 96 9.97 -10.04 -33.23
CA TYR D 96 10.06 -10.48 -31.81
C TYR D 96 8.78 -11.03 -31.24
N ASP D 97 8.93 -12.05 -30.41
CA ASP D 97 7.85 -12.77 -29.73
C ASP D 97 7.78 -12.26 -28.28
N PRO D 98 6.75 -11.45 -27.92
CA PRO D 98 6.70 -10.88 -26.56
C PRO D 98 6.32 -11.88 -25.51
N LYS D 99 6.98 -11.78 -24.37
CA LYS D 99 6.83 -12.68 -23.26
C LYS D 99 6.30 -11.93 -22.06
N ASP D 100 6.66 -12.39 -20.85
CA ASP D 100 6.23 -11.89 -19.59
C ASP D 100 6.67 -10.45 -19.33
N VAL D 101 5.81 -9.70 -18.59
CA VAL D 101 6.03 -8.34 -18.12
C VAL D 101 7.07 -8.42 -16.99
N ILE D 102 8.22 -7.73 -17.13
CA ILE D 102 9.29 -7.74 -16.12
C ILE D 102 9.40 -6.36 -15.42
N GLY D 103 8.72 -5.34 -15.96
CA GLY D 103 8.73 -4.00 -15.41
C GLY D 103 7.61 -3.13 -15.93
N ARG D 104 7.24 -2.11 -15.15
CA ARG D 104 6.18 -1.16 -15.47
C ARG D 104 6.58 0.25 -15.09
N GLY D 105 6.15 1.19 -15.90
CA GLY D 105 6.35 2.62 -15.71
C GLY D 105 5.03 3.34 -15.87
N VAL D 106 5.04 4.68 -15.79
CA VAL D 106 3.85 5.50 -15.92
C VAL D 106 3.21 5.30 -17.31
N SER D 107 3.98 5.59 -18.39
CA SER D 107 3.50 5.48 -19.76
C SER D 107 4.21 4.33 -20.52
N SER D 108 4.72 3.31 -19.78
CA SER D 108 5.42 2.19 -20.42
C SER D 108 5.33 0.89 -19.62
N VAL D 109 5.64 -0.20 -20.31
CA VAL D 109 5.75 -1.56 -19.80
C VAL D 109 7.06 -2.18 -20.39
N VAL D 110 7.75 -2.98 -19.60
CA VAL D 110 8.97 -3.67 -20.06
C VAL D 110 8.63 -5.16 -20.06
N ARG D 111 8.83 -5.80 -21.19
CA ARG D 111 8.57 -7.23 -21.36
C ARG D 111 9.77 -7.96 -21.90
N ARG D 112 9.94 -9.22 -21.48
CA ARG D 112 10.94 -10.09 -22.05
C ARG D 112 10.39 -10.43 -23.45
N CYS D 113 11.27 -10.54 -24.44
CA CYS D 113 10.83 -10.91 -25.77
C CYS D 113 11.90 -11.80 -26.41
N VAL D 114 11.51 -12.62 -27.38
CA VAL D 114 12.41 -13.55 -28.06
C VAL D 114 12.49 -13.17 -29.52
N HIS D 115 13.72 -13.02 -30.04
CA HIS D 115 13.97 -12.75 -31.44
C HIS D 115 13.68 -14.05 -32.17
N ARG D 116 12.57 -14.08 -32.90
CA ARG D 116 12.01 -15.25 -33.60
C ARG D 116 13.02 -16.08 -34.41
N ALA D 117 13.88 -15.44 -35.20
CA ALA D 117 14.85 -16.12 -36.07
C ALA D 117 16.00 -16.78 -35.31
N THR D 118 16.42 -16.25 -34.16
CA THR D 118 17.55 -16.81 -33.42
C THR D 118 17.17 -17.50 -32.10
N GLY D 119 16.05 -17.11 -31.53
CA GLY D 119 15.59 -17.64 -30.25
C GLY D 119 16.24 -16.97 -29.06
N HIS D 120 17.02 -15.92 -29.33
CA HIS D 120 17.73 -15.15 -28.34
C HIS D 120 16.78 -14.21 -27.67
N GLU D 121 17.00 -13.97 -26.38
CA GLU D 121 16.12 -13.17 -25.56
C GLU D 121 16.58 -11.77 -25.38
N PHE D 122 15.59 -10.88 -25.33
CA PHE D 122 15.77 -9.45 -25.14
C PHE D 122 14.70 -8.90 -24.21
N ALA D 123 14.73 -7.59 -24.01
CA ALA D 123 13.76 -6.84 -23.25
C ALA D 123 13.23 -5.78 -24.15
N VAL D 124 11.92 -5.57 -24.16
CA VAL D 124 11.33 -4.52 -24.97
C VAL D 124 10.58 -3.55 -24.05
N LYS D 125 10.86 -2.25 -24.22
CA LYS D 125 10.14 -1.18 -23.56
C LYS D 125 9.14 -0.65 -24.56
N ILE D 126 7.85 -0.76 -24.21
CA ILE D 126 6.75 -0.28 -25.07
C ILE D 126 6.22 0.99 -24.43
N MET D 127 6.48 2.13 -25.06
CA MET D 127 6.03 3.43 -24.62
C MET D 127 4.73 3.79 -25.34
N GLU D 128 3.68 4.16 -24.61
CA GLU D 128 2.41 4.60 -25.20
C GLU D 128 1.95 5.95 -24.59
N VAL D 129 1.34 6.83 -25.44
CA VAL D 129 0.79 8.17 -25.17
C VAL D 129 0.25 8.36 -23.72
N ARG D 133 -3.68 12.41 -21.48
CA ARG D 133 -4.14 13.30 -22.53
C ARG D 133 -3.36 14.62 -22.44
N LEU D 134 -2.64 14.99 -23.53
CA LEU D 134 -1.80 16.20 -23.62
C LEU D 134 -2.08 17.02 -24.89
N SER D 135 -1.75 18.33 -24.85
CA SER D 135 -1.90 19.27 -25.97
C SER D 135 -1.05 18.82 -27.18
N PRO D 136 -1.34 19.23 -28.44
CA PRO D 136 -0.51 18.77 -29.58
C PRO D 136 0.95 19.21 -29.47
N GLU D 137 1.21 20.36 -28.80
CA GLU D 137 2.55 20.91 -28.56
C GLU D 137 3.30 20.05 -27.54
N GLN D 138 2.65 19.71 -26.39
CA GLN D 138 3.22 18.88 -25.31
C GLN D 138 3.51 17.45 -25.82
N LEU D 139 2.63 16.92 -26.71
CA LEU D 139 2.77 15.59 -27.30
C LEU D 139 3.99 15.52 -28.23
N GLU D 140 4.30 16.62 -28.95
CA GLU D 140 5.48 16.70 -29.81
C GLU D 140 6.74 16.87 -28.95
N GLU D 141 6.59 17.44 -27.72
CA GLU D 141 7.68 17.58 -26.75
C GLU D 141 8.13 16.18 -26.28
N VAL D 142 7.17 15.30 -25.93
CA VAL D 142 7.35 13.91 -25.47
C VAL D 142 7.97 13.06 -26.61
N ARG D 143 7.65 13.40 -27.87
CA ARG D 143 8.19 12.73 -29.06
C ARG D 143 9.65 13.14 -29.27
N GLU D 144 9.92 14.46 -29.30
CA GLU D 144 11.25 15.03 -29.50
C GLU D 144 12.23 14.56 -28.40
N ALA D 145 11.77 14.47 -27.14
CA ALA D 145 12.59 14.00 -26.03
C ALA D 145 12.99 12.54 -26.21
N THR D 146 12.06 11.67 -26.67
CA THR D 146 12.35 10.24 -26.89
C THR D 146 13.32 10.06 -28.08
N ARG D 147 13.29 11.00 -29.04
CA ARG D 147 14.22 11.02 -30.17
C ARG D 147 15.62 11.38 -29.67
N ARG D 148 15.71 12.35 -28.72
CA ARG D 148 16.95 12.76 -28.07
C ARG D 148 17.60 11.58 -27.36
N GLU D 149 16.77 10.77 -26.67
CA GLU D 149 17.18 9.59 -25.91
C GLU D 149 17.72 8.47 -26.82
N THR D 150 16.99 8.12 -27.89
CA THR D 150 17.38 7.06 -28.82
C THR D 150 18.67 7.45 -29.58
N HIS D 151 18.84 8.75 -29.90
CA HIS D 151 20.06 9.27 -30.55
C HIS D 151 21.28 9.01 -29.65
N ILE D 152 21.17 9.39 -28.36
CA ILE D 152 22.22 9.16 -27.36
C ILE D 152 22.50 7.65 -27.22
N LEU D 153 21.43 6.82 -27.12
CA LEU D 153 21.54 5.35 -26.98
C LEU D 153 22.26 4.71 -28.17
N ARG D 154 22.10 5.25 -29.37
CA ARG D 154 22.79 4.70 -30.55
C ARG D 154 24.28 5.07 -30.53
N GLN D 155 24.62 6.26 -30.00
CA GLN D 155 26.02 6.70 -29.86
C GLN D 155 26.79 5.81 -28.87
N VAL D 156 26.14 5.43 -27.76
CA VAL D 156 26.75 4.67 -26.67
C VAL D 156 26.65 3.13 -26.88
N ALA D 157 25.76 2.66 -27.78
CA ALA D 157 25.59 1.23 -28.04
C ALA D 157 26.92 0.59 -28.38
N GLY D 158 27.28 -0.44 -27.61
CA GLY D 158 28.54 -1.15 -27.78
C GLY D 158 29.37 -1.25 -26.50
N HIS D 159 29.23 -0.26 -25.59
CA HIS D 159 29.95 -0.25 -24.31
C HIS D 159 29.45 -1.41 -23.43
N PRO D 160 30.36 -2.21 -22.83
CA PRO D 160 29.93 -3.37 -22.03
C PRO D 160 29.11 -3.05 -20.76
N HIS D 161 29.17 -1.80 -20.25
CA HIS D 161 28.44 -1.48 -19.04
C HIS D 161 27.39 -0.39 -19.27
N ILE D 162 26.88 -0.30 -20.51
CA ILE D 162 25.79 0.59 -20.90
C ILE D 162 24.76 -0.28 -21.64
N ILE D 163 23.47 -0.03 -21.38
CA ILE D 163 22.38 -0.78 -22.02
C ILE D 163 22.46 -0.60 -23.56
N THR D 164 22.26 -1.69 -24.31
CA THR D 164 22.34 -1.65 -25.77
C THR D 164 20.96 -1.55 -26.38
N LEU D 165 20.74 -0.52 -27.20
CA LEU D 165 19.49 -0.40 -27.95
C LEU D 165 19.69 -1.25 -29.19
N ILE D 166 19.02 -2.41 -29.23
CA ILE D 166 19.13 -3.42 -30.25
C ILE D 166 18.33 -3.03 -31.49
N ASP D 167 17.16 -2.39 -31.25
CA ASP D 167 16.16 -2.07 -32.23
C ASP D 167 15.13 -1.09 -31.74
N SER D 168 14.47 -0.40 -32.67
CA SER D 168 13.42 0.57 -32.33
C SER D 168 12.39 0.68 -33.43
N TYR D 169 11.10 0.86 -33.05
CA TYR D 169 9.93 0.95 -33.95
C TYR D 169 9.01 2.07 -33.43
N GLU D 170 8.71 3.11 -34.22
CA GLU D 170 7.92 4.25 -33.75
C GLU D 170 6.64 4.52 -34.58
N SER D 171 5.56 4.91 -33.90
CA SER D 171 4.27 5.30 -34.48
C SER D 171 3.69 6.44 -33.66
N SER D 172 2.53 6.96 -34.08
CA SER D 172 1.85 8.09 -33.42
C SER D 172 1.57 7.77 -31.96
N SER D 173 1.14 6.52 -31.70
CA SER D 173 0.80 6.16 -30.35
C SER D 173 1.85 5.26 -29.68
N PHE D 174 2.80 4.62 -30.41
CA PHE D 174 3.80 3.76 -29.76
C PHE D 174 5.26 3.97 -30.14
N MET D 175 6.13 3.51 -29.25
CA MET D 175 7.57 3.36 -29.37
C MET D 175 7.96 1.99 -28.82
N PHE D 176 8.50 1.13 -29.65
CA PHE D 176 8.99 -0.18 -29.22
C PHE D 176 10.51 -0.08 -29.21
N LEU D 177 11.11 -0.13 -28.02
CA LEU D 177 12.56 -0.07 -27.86
C LEU D 177 13.08 -1.41 -27.38
N VAL D 178 13.87 -2.10 -28.20
CA VAL D 178 14.43 -3.43 -27.87
C VAL D 178 15.82 -3.24 -27.28
N PHE D 179 16.06 -3.82 -26.11
CA PHE D 179 17.34 -3.76 -25.38
C PHE D 179 17.88 -5.11 -24.96
N ASP D 180 19.06 -5.11 -24.31
CA ASP D 180 19.59 -6.30 -23.66
C ASP D 180 18.66 -6.70 -22.54
N LEU D 181 18.49 -8.01 -22.34
CA LEU D 181 17.73 -8.56 -21.23
C LEU D 181 18.70 -8.71 -20.08
N MET D 182 18.44 -7.99 -18.98
CA MET D 182 19.27 -8.04 -17.78
C MET D 182 18.49 -8.84 -16.78
N ARG D 183 18.81 -10.14 -16.69
CA ARG D 183 18.07 -11.17 -15.96
C ARG D 183 18.00 -11.00 -14.43
N LYS D 184 18.88 -10.22 -13.83
CA LYS D 184 18.77 -10.01 -12.39
C LYS D 184 18.07 -8.65 -12.08
N GLY D 185 17.53 -8.01 -13.12
CA GLY D 185 16.75 -6.78 -13.04
C GLY D 185 17.48 -5.55 -12.57
N GLU D 186 16.75 -4.66 -11.87
CA GLU D 186 17.30 -3.42 -11.32
C GLU D 186 18.12 -3.67 -10.07
N LEU D 187 19.23 -2.94 -9.95
CA LEU D 187 20.13 -2.99 -8.81
C LEU D 187 19.38 -2.61 -7.54
N PHE D 188 18.37 -1.71 -7.66
CA PHE D 188 17.49 -1.28 -6.57
C PHE D 188 16.75 -2.47 -5.95
N ASP D 189 16.15 -3.36 -6.78
CA ASP D 189 15.39 -4.51 -6.30
C ASP D 189 16.32 -5.56 -5.69
N TYR D 190 17.56 -5.67 -6.22
CA TYR D 190 18.60 -6.54 -5.68
C TYR D 190 18.98 -6.06 -4.27
N LEU D 191 19.16 -4.73 -4.10
CA LEU D 191 19.48 -4.08 -2.84
C LEU D 191 18.35 -4.28 -1.85
N THR D 192 17.08 -4.21 -2.29
CA THR D 192 15.94 -4.46 -1.40
C THR D 192 16.01 -5.88 -0.83
N GLU D 193 16.28 -6.88 -1.71
CA GLU D 193 16.39 -8.29 -1.36
C GLU D 193 17.56 -8.54 -0.39
N LYS D 194 18.76 -8.02 -0.72
CA LYS D 194 19.96 -8.22 0.10
C LYS D 194 20.04 -7.25 1.31
N VAL D 195 19.18 -6.19 1.34
CA VAL D 195 19.08 -5.13 2.36
C VAL D 195 20.27 -4.14 2.19
N ALA D 196 21.51 -4.64 2.29
CA ALA D 196 22.75 -3.88 2.12
C ALA D 196 23.79 -4.80 1.49
N LEU D 197 24.67 -4.25 0.65
CA LEU D 197 25.68 -5.09 -0.02
C LEU D 197 27.03 -5.05 0.67
N SER D 198 27.86 -6.02 0.32
CA SER D 198 29.23 -6.13 0.83
C SER D 198 30.11 -5.15 0.06
N GLU D 199 31.26 -4.76 0.65
CA GLU D 199 32.24 -3.90 0.02
C GLU D 199 32.84 -4.58 -1.23
N LYS D 200 32.99 -5.93 -1.21
CA LYS D 200 33.50 -6.73 -2.32
C LYS D 200 32.57 -6.58 -3.55
N GLU D 201 31.25 -6.76 -3.36
CA GLU D 201 30.25 -6.66 -4.42
C GLU D 201 30.00 -5.20 -4.87
N THR D 202 30.11 -4.23 -3.94
CA THR D 202 29.93 -2.81 -4.22
C THR D 202 31.11 -2.30 -5.07
N ARG D 203 32.35 -2.70 -4.74
CA ARG D 203 33.56 -2.30 -5.49
C ARG D 203 33.47 -2.72 -6.93
N SER D 204 32.93 -3.94 -7.20
CA SER D 204 32.71 -4.51 -8.53
C SER D 204 31.66 -3.71 -9.32
N ILE D 205 30.54 -3.33 -8.65
CA ILE D 205 29.46 -2.53 -9.25
C ILE D 205 29.96 -1.09 -9.49
N MET D 206 30.66 -0.50 -8.50
CA MET D 206 31.10 0.89 -8.56
C MET D 206 32.20 1.11 -9.58
N ARG D 207 33.07 0.10 -9.83
CA ARG D 207 34.13 0.16 -10.84
C ARG D 207 33.51 0.30 -12.23
N SER D 208 32.55 -0.60 -12.55
CA SER D 208 31.84 -0.62 -13.83
C SER D 208 30.97 0.61 -14.02
N LEU D 209 30.34 1.13 -12.93
CA LEU D 209 29.51 2.32 -12.99
C LEU D 209 30.39 3.55 -13.29
N LEU D 210 31.59 3.62 -12.73
CA LEU D 210 32.50 4.76 -12.97
C LEU D 210 33.09 4.67 -14.35
N GLU D 211 33.36 3.45 -14.83
CA GLU D 211 33.91 3.24 -16.17
C GLU D 211 32.90 3.70 -17.22
N ALA D 212 31.61 3.39 -16.99
CA ALA D 212 30.52 3.80 -17.89
C ALA D 212 30.37 5.32 -17.87
N VAL D 213 30.43 5.92 -16.66
CA VAL D 213 30.33 7.38 -16.45
C VAL D 213 31.53 8.08 -17.14
N SER D 214 32.76 7.55 -16.95
CA SER D 214 33.97 8.08 -17.57
C SER D 214 33.84 8.08 -19.13
N PHE D 215 33.26 7.01 -19.70
CA PHE D 215 33.03 6.85 -21.15
C PHE D 215 32.05 7.91 -21.65
N LEU D 216 30.88 8.03 -20.98
CA LEU D 216 29.83 9.00 -21.30
C LEU D 216 30.39 10.41 -21.35
N HIS D 217 31.15 10.76 -20.33
CA HIS D 217 31.76 12.07 -20.15
C HIS D 217 32.84 12.37 -21.21
N ALA D 218 33.62 11.36 -21.60
CA ALA D 218 34.63 11.47 -22.65
C ALA D 218 33.97 11.75 -23.98
N ASN D 219 32.70 11.31 -24.12
CA ASN D 219 31.86 11.49 -25.30
C ASN D 219 30.90 12.68 -25.14
N ASN D 220 31.16 13.51 -24.10
CA ASN D 220 30.46 14.74 -23.77
C ASN D 220 28.96 14.52 -23.51
N ILE D 221 28.63 13.45 -22.79
CA ILE D 221 27.25 13.13 -22.40
C ILE D 221 27.17 13.11 -20.87
N VAL D 222 26.13 13.76 -20.35
CA VAL D 222 25.86 13.77 -18.92
C VAL D 222 24.57 12.94 -18.76
N HIS D 223 24.61 11.87 -17.93
CA HIS D 223 23.49 10.96 -17.72
C HIS D 223 22.30 11.67 -17.05
N ARG D 224 22.55 12.36 -15.93
CA ARG D 224 21.64 13.22 -15.14
C ARG D 224 20.54 12.45 -14.43
N ASP D 225 20.61 11.12 -14.41
CA ASP D 225 19.65 10.37 -13.61
C ASP D 225 20.25 9.06 -13.08
N LEU D 226 21.53 9.08 -12.62
CA LEU D 226 22.19 7.88 -12.05
C LEU D 226 21.58 7.54 -10.67
N LYS D 227 21.07 6.32 -10.52
CA LYS D 227 20.46 5.79 -9.29
C LYS D 227 20.34 4.25 -9.40
N PRO D 228 20.17 3.50 -8.28
CA PRO D 228 20.09 2.03 -8.39
C PRO D 228 18.96 1.50 -9.28
N GLU D 229 17.91 2.29 -9.50
CA GLU D 229 16.76 1.92 -10.34
C GLU D 229 17.12 1.93 -11.82
N ASN D 230 18.17 2.69 -12.20
CA ASN D 230 18.66 2.89 -13.56
C ASN D 230 19.93 2.10 -13.86
N ILE D 231 20.28 1.17 -12.96
CA ILE D 231 21.42 0.27 -13.11
C ILE D 231 20.86 -1.13 -13.14
N LEU D 232 21.11 -1.84 -14.23
CA LEU D 232 20.59 -3.18 -14.44
C LEU D 232 21.67 -4.24 -14.26
N LEU D 233 21.29 -5.44 -13.80
CA LEU D 233 22.22 -6.54 -13.55
C LEU D 233 21.92 -7.77 -14.36
N ASP D 234 22.96 -8.50 -14.78
CA ASP D 234 22.81 -9.80 -15.44
C ASP D 234 23.05 -10.91 -14.38
N ASP D 235 23.11 -12.21 -14.79
CA ASP D 235 23.31 -13.35 -13.87
C ASP D 235 24.73 -13.41 -13.31
N ASN D 236 25.70 -12.83 -14.02
CA ASN D 236 27.12 -12.75 -13.63
C ASN D 236 27.38 -11.56 -12.71
N MET D 237 26.29 -10.86 -12.33
CA MET D 237 26.28 -9.66 -11.47
C MET D 237 26.99 -8.49 -12.17
N GLN D 238 26.99 -8.49 -13.52
CA GLN D 238 27.59 -7.44 -14.33
C GLN D 238 26.55 -6.35 -14.61
N ILE D 239 26.97 -5.06 -14.51
CA ILE D 239 26.02 -3.96 -14.66
C ILE D 239 25.98 -3.36 -16.08
N ARG D 240 24.85 -2.72 -16.38
CA ARG D 240 24.62 -1.93 -17.55
C ARG D 240 23.78 -0.74 -17.15
N LEU D 241 24.34 0.45 -17.37
CA LEU D 241 23.67 1.71 -17.10
C LEU D 241 22.52 1.91 -18.08
N SER D 242 21.36 2.28 -17.56
CA SER D 242 20.17 2.45 -18.37
C SER D 242 19.48 3.78 -18.07
N ASP D 243 18.29 3.97 -18.67
CA ASP D 243 17.37 5.11 -18.49
C ASP D 243 18.05 6.46 -18.74
N PHE D 244 18.28 6.73 -20.02
CA PHE D 244 18.93 7.92 -20.54
C PHE D 244 17.89 9.04 -20.90
N GLY D 245 16.73 9.01 -20.25
CA GLY D 245 15.65 9.96 -20.48
C GLY D 245 15.99 11.41 -20.12
N PHE D 246 16.97 11.61 -19.21
CA PHE D 246 17.41 12.95 -18.81
C PHE D 246 18.77 13.31 -19.36
N SER D 247 19.43 12.36 -20.04
CA SER D 247 20.73 12.56 -20.65
C SER D 247 20.72 13.65 -21.72
N CYS D 248 21.83 14.35 -21.83
CA CYS D 248 22.02 15.36 -22.86
C CYS D 248 23.50 15.42 -23.19
N HIS D 249 23.78 15.89 -24.40
CA HIS D 249 25.14 16.18 -24.80
C HIS D 249 25.52 17.56 -24.21
N LEU D 250 26.76 17.68 -23.70
CA LEU D 250 27.30 18.91 -23.12
C LEU D 250 28.68 19.25 -23.72
N GLU D 251 28.71 20.33 -24.54
CA GLU D 251 29.94 20.87 -25.16
C GLU D 251 30.97 21.21 -24.06
N PRO D 252 32.28 20.79 -24.14
CA PRO D 252 33.21 21.11 -23.04
C PRO D 252 33.33 22.62 -22.81
N GLY D 253 33.33 23.00 -21.53
CA GLY D 253 33.37 24.40 -21.11
C GLY D 253 32.00 24.97 -20.84
N GLU D 254 30.97 24.46 -21.55
CA GLU D 254 29.58 24.87 -21.40
C GLU D 254 28.95 24.20 -20.17
N LYS D 255 27.83 24.76 -19.71
CA LYS D 255 27.12 24.38 -18.49
C LYS D 255 25.60 24.19 -18.75
N LEU D 256 24.94 23.44 -17.86
CA LEU D 256 23.51 23.14 -17.91
C LEU D 256 22.78 23.82 -16.77
N ARG D 257 21.45 23.90 -16.87
CA ARG D 257 20.64 24.56 -15.83
C ARG D 257 19.35 23.83 -15.52
N GLU D 258 18.90 22.96 -16.42
CA GLU D 258 17.62 22.25 -16.23
C GLU D 258 17.61 21.41 -14.95
N LEU D 259 16.55 21.57 -14.17
CA LEU D 259 16.34 20.80 -12.98
C LEU D 259 15.66 19.49 -13.37
N CYS D 260 16.42 18.42 -13.31
CA CYS D 260 15.94 17.06 -13.63
C CYS D 260 16.82 16.07 -12.87
N GLY D 261 16.34 14.84 -12.79
CA GLY D 261 16.98 13.80 -12.02
C GLY D 261 16.15 13.55 -10.77
N THR D 262 16.51 12.54 -9.99
CA THR D 262 15.79 12.18 -8.78
C THR D 262 16.29 13.07 -7.63
N PRO D 263 15.36 13.70 -6.86
CA PRO D 263 15.78 14.65 -5.79
C PRO D 263 16.88 14.14 -4.83
N GLY D 264 16.78 12.90 -4.37
CA GLY D 264 17.76 12.34 -3.45
C GLY D 264 19.17 12.23 -4.01
N TYR D 265 19.28 12.21 -5.34
CA TYR D 265 20.55 12.02 -6.07
C TYR D 265 21.09 13.32 -6.67
N LEU D 266 20.35 14.45 -6.55
CA LEU D 266 20.72 15.75 -7.11
C LEU D 266 21.90 16.38 -6.40
N ALA D 267 22.86 16.89 -7.17
CA ALA D 267 24.02 17.59 -6.65
C ALA D 267 23.59 18.98 -6.10
N PRO D 268 24.32 19.56 -5.12
CA PRO D 268 23.94 20.88 -4.59
C PRO D 268 23.88 21.96 -5.67
N GLU D 269 24.84 21.96 -6.65
CA GLU D 269 24.89 22.97 -7.73
C GLU D 269 23.63 22.95 -8.62
N ILE D 270 22.91 21.80 -8.72
CA ILE D 270 21.68 21.76 -9.53
C ILE D 270 20.61 22.57 -8.79
N LEU D 271 20.50 22.39 -7.46
CA LEU D 271 19.54 23.09 -6.63
C LEU D 271 19.87 24.61 -6.59
N LYS D 272 21.17 25.01 -6.40
CA LYS D 272 21.64 26.41 -6.33
C LYS D 272 21.29 27.23 -7.57
N CYS D 273 21.48 26.66 -8.77
CA CYS D 273 21.25 27.42 -10.01
C CYS D 273 19.80 27.29 -10.54
N SER D 274 18.97 26.41 -9.98
CA SER D 274 17.56 26.28 -10.38
C SER D 274 16.81 27.52 -9.90
N MET D 275 17.27 28.04 -8.76
CA MET D 275 16.69 29.19 -8.09
C MET D 275 17.40 30.50 -8.34
N ASP D 276 18.68 30.47 -8.64
CA ASP D 276 19.47 31.69 -8.84
C ASP D 276 19.99 31.73 -10.26
N GLU D 277 19.44 32.66 -11.05
CA GLU D 277 19.79 32.84 -12.47
C GLU D 277 21.24 33.39 -12.68
N THR D 278 21.86 33.97 -11.64
CA THR D 278 23.23 34.46 -11.77
C THR D 278 24.25 33.31 -11.54
N HIS D 279 23.82 32.18 -10.95
CA HIS D 279 24.69 31.03 -10.71
C HIS D 279 25.16 30.45 -12.08
N PRO D 280 26.47 30.15 -12.22
CA PRO D 280 27.00 29.70 -13.53
C PRO D 280 26.45 28.41 -14.17
N GLY D 281 25.78 27.55 -13.42
CA GLY D 281 25.28 26.31 -13.98
C GLY D 281 26.05 25.08 -13.53
N TYR D 282 25.68 23.91 -14.04
CA TYR D 282 26.32 22.65 -13.64
C TYR D 282 26.86 21.86 -14.87
N GLY D 283 27.74 20.92 -14.57
CA GLY D 283 28.37 20.09 -15.60
C GLY D 283 28.26 18.60 -15.36
N LYS D 284 29.25 17.85 -15.83
CA LYS D 284 29.29 16.40 -15.70
C LYS D 284 29.58 15.93 -14.26
N GLU D 285 30.05 16.82 -13.37
CA GLU D 285 30.34 16.55 -11.95
C GLU D 285 29.10 16.09 -11.16
N VAL D 286 27.90 16.45 -11.65
CA VAL D 286 26.62 16.08 -11.04
C VAL D 286 26.42 14.57 -11.06
N ASP D 287 26.94 13.87 -12.09
CA ASP D 287 26.88 12.40 -12.19
C ASP D 287 27.73 11.72 -11.13
N LEU D 288 28.82 12.37 -10.71
CA LEU D 288 29.72 11.83 -9.70
C LEU D 288 29.23 12.06 -8.32
N TRP D 289 28.44 13.14 -8.09
CA TRP D 289 27.75 13.32 -6.82
C TRP D 289 26.74 12.15 -6.65
N ALA D 290 25.97 11.83 -7.73
CA ALA D 290 25.00 10.73 -7.81
C ALA D 290 25.70 9.37 -7.56
N CYS D 291 26.93 9.18 -8.08
CA CYS D 291 27.74 7.97 -7.84
C CYS D 291 28.03 7.81 -6.32
N GLY D 292 28.33 8.93 -5.66
CA GLY D 292 28.57 8.99 -4.23
C GLY D 292 27.35 8.58 -3.44
N VAL D 293 26.17 9.05 -3.89
CA VAL D 293 24.87 8.73 -3.28
C VAL D 293 24.60 7.22 -3.50
N ILE D 294 24.89 6.69 -4.71
CA ILE D 294 24.67 5.27 -5.02
C ILE D 294 25.54 4.43 -4.08
N LEU D 295 26.85 4.71 -4.04
CA LEU D 295 27.84 4.03 -3.19
C LEU D 295 27.37 3.97 -1.72
N PHE D 296 26.91 5.12 -1.15
CA PHE D 296 26.39 5.20 0.21
C PHE D 296 25.20 4.25 0.38
N THR D 297 24.21 4.35 -0.51
CA THR D 297 22.96 3.58 -0.48
C THR D 297 23.20 2.07 -0.59
N LEU D 298 24.16 1.63 -1.42
CA LEU D 298 24.44 0.18 -1.58
C LEU D 298 24.94 -0.42 -0.27
N LEU D 299 25.79 0.34 0.44
CA LEU D 299 26.36 -0.11 1.69
C LEU D 299 25.41 0.04 2.85
N ALA D 300 24.71 1.18 2.98
CA ALA D 300 23.79 1.46 4.09
C ALA D 300 22.42 0.80 3.95
N GLY D 301 21.96 0.66 2.73
CA GLY D 301 20.63 0.11 2.45
C GLY D 301 19.56 1.19 2.51
N SER D 302 20.00 2.44 2.72
CA SER D 302 19.17 3.64 2.82
C SER D 302 19.95 4.83 2.23
N PRO D 303 19.27 5.88 1.68
CA PRO D 303 20.02 6.99 1.06
C PRO D 303 20.61 7.98 2.08
N PRO D 304 21.70 8.72 1.72
CA PRO D 304 22.32 9.65 2.68
C PRO D 304 21.46 10.88 3.02
N PHE D 305 20.64 11.33 2.08
CA PHE D 305 19.80 12.49 2.33
C PHE D 305 18.39 12.04 2.19
N TRP D 306 17.74 11.85 3.34
CA TRP D 306 16.37 11.41 3.42
C TRP D 306 15.67 12.08 4.60
N HIS D 307 14.38 12.34 4.44
CA HIS D 307 13.60 12.95 5.50
C HIS D 307 12.13 12.71 5.23
N ARG D 308 11.34 12.59 6.32
CA ARG D 308 9.88 12.46 6.28
C ARG D 308 9.30 13.61 5.46
N ARG D 309 9.81 14.84 5.69
CA ARG D 309 9.46 16.06 4.97
C ARG D 309 10.50 16.32 3.86
N GLN D 310 10.08 16.25 2.58
CA GLN D 310 10.91 16.41 1.37
C GLN D 310 11.71 17.74 1.32
N ILE D 311 11.12 18.81 1.87
CA ILE D 311 11.76 20.12 1.85
C ILE D 311 12.98 20.17 2.80
N LEU D 312 12.99 19.35 3.86
CA LEU D 312 14.13 19.28 4.76
C LEU D 312 15.24 18.45 4.11
N MET D 313 14.87 17.51 3.19
CA MET D 313 15.81 16.68 2.45
C MET D 313 16.71 17.56 1.55
N LEU D 314 16.12 18.61 0.93
CA LEU D 314 16.84 19.51 0.01
C LEU D 314 17.96 20.32 0.72
N ARG D 315 17.66 20.73 1.98
CA ARG D 315 18.57 21.46 2.86
C ARG D 315 19.77 20.58 3.20
N MET D 316 19.47 19.31 3.48
CA MET D 316 20.45 18.26 3.78
C MET D 316 21.42 18.15 2.60
N ILE D 317 20.87 18.06 1.38
CA ILE D 317 21.65 17.94 0.14
C ILE D 317 22.62 19.12 -0.01
N MET D 318 22.08 20.35 -0.08
CA MET D 318 22.82 21.59 -0.31
C MET D 318 23.92 21.85 0.73
N GLU D 319 23.72 21.40 1.98
CA GLU D 319 24.74 21.58 3.01
C GLU D 319 25.67 20.34 3.06
N GLY D 320 25.34 19.30 2.28
CA GLY D 320 26.07 18.04 2.24
C GLY D 320 26.05 17.33 3.58
N GLN D 321 24.90 17.40 4.27
CA GLN D 321 24.71 16.85 5.62
C GLN D 321 24.23 15.43 5.55
N TYR D 322 25.17 14.53 5.83
CA TYR D 322 24.95 13.08 5.89
C TYR D 322 25.79 12.54 7.03
N GLN D 323 25.46 11.34 7.51
CA GLN D 323 26.23 10.70 8.58
C GLN D 323 26.34 9.18 8.39
N PHE D 324 27.44 8.61 8.91
CA PHE D 324 27.73 7.17 8.87
C PHE D 324 27.24 6.56 10.19
N SER D 325 25.90 6.50 10.36
CA SER D 325 25.13 6.02 11.51
C SER D 325 25.63 4.64 12.00
N SER D 326 26.00 4.59 13.32
CA SER D 326 26.58 3.47 14.07
C SER D 326 25.99 2.05 13.80
N PRO D 327 24.66 1.77 13.72
CA PRO D 327 24.23 0.37 13.49
C PRO D 327 24.63 -0.21 12.11
N GLU D 328 24.37 0.49 11.00
CA GLU D 328 24.65 0.00 9.64
C GLU D 328 26.06 0.33 9.08
N TRP D 329 26.77 1.34 9.62
CA TRP D 329 28.10 1.72 9.13
C TRP D 329 29.22 1.19 10.00
N ASP D 330 28.87 0.39 11.02
CA ASP D 330 29.77 -0.21 12.00
C ASP D 330 30.92 -0.99 11.36
N ASP D 331 30.57 -2.01 10.53
CA ASP D 331 31.47 -2.92 9.86
C ASP D 331 31.77 -2.46 8.43
N ARG D 332 32.07 -1.15 8.25
CA ARG D 332 32.43 -0.58 6.94
C ARG D 332 33.79 0.11 7.04
N SER D 333 34.70 -0.20 6.09
CA SER D 333 36.04 0.37 6.01
C SER D 333 36.03 1.90 5.90
N SER D 334 37.09 2.53 6.42
CA SER D 334 37.30 3.97 6.37
C SER D 334 37.62 4.40 4.95
N THR D 335 38.21 3.44 4.15
CA THR D 335 38.60 3.59 2.75
C THR D 335 37.39 3.89 1.87
N VAL D 336 36.30 3.11 2.05
CA VAL D 336 35.08 3.33 1.28
C VAL D 336 34.39 4.60 1.82
N LYS D 337 34.50 4.88 3.15
CA LYS D 337 33.97 6.09 3.79
C LYS D 337 34.63 7.34 3.17
N ASP D 338 35.96 7.25 2.89
CA ASP D 338 36.78 8.28 2.25
C ASP D 338 36.29 8.61 0.83
N LEU D 339 36.13 7.58 -0.04
CA LEU D 339 35.67 7.74 -1.42
C LEU D 339 34.31 8.41 -1.45
N ILE D 340 33.38 7.98 -0.55
CA ILE D 340 32.03 8.57 -0.42
C ILE D 340 32.17 10.06 -0.12
N SER D 341 33.02 10.43 0.87
CA SER D 341 33.24 11.82 1.28
C SER D 341 33.86 12.69 0.17
N ARG D 342 34.70 12.06 -0.70
CA ARG D 342 35.36 12.69 -1.85
C ARG D 342 34.41 12.80 -3.08
N LEU D 343 33.35 11.95 -3.11
CA LEU D 343 32.34 12.01 -4.17
C LEU D 343 31.19 12.94 -3.72
N LEU D 344 30.84 12.93 -2.42
CA LEU D 344 29.78 13.75 -1.85
C LEU D 344 30.38 15.04 -1.32
N GLN D 345 31.08 15.74 -2.21
CA GLN D 345 31.76 17.01 -2.02
C GLN D 345 30.89 18.12 -2.66
N VAL D 346 30.39 19.07 -1.84
CA VAL D 346 29.49 20.15 -2.24
C VAL D 346 30.13 21.01 -3.38
N ASP D 347 31.42 21.34 -3.27
CA ASP D 347 32.13 22.09 -4.33
C ASP D 347 32.38 21.15 -5.53
N PRO D 348 31.84 21.45 -6.73
CA PRO D 348 32.06 20.56 -7.90
C PRO D 348 33.51 20.53 -8.37
N GLU D 349 34.25 21.61 -8.09
CA GLU D 349 35.67 21.74 -8.46
C GLU D 349 36.53 20.85 -7.56
N ALA D 350 36.12 20.71 -6.27
CA ALA D 350 36.81 19.90 -5.26
C ALA D 350 36.36 18.42 -5.33
N ARG D 351 35.25 18.14 -6.03
CA ARG D 351 34.71 16.79 -6.22
C ARG D 351 35.52 15.99 -7.25
N LEU D 352 35.65 14.68 -6.98
CA LEU D 352 36.37 13.69 -7.79
C LEU D 352 35.74 13.46 -9.16
N THR D 353 36.58 13.37 -10.23
CA THR D 353 36.08 13.03 -11.55
C THR D 353 35.90 11.51 -11.56
N ALA D 354 35.35 10.92 -12.66
CA ALA D 354 35.16 9.47 -12.72
C ALA D 354 36.53 8.75 -12.76
N GLU D 355 37.48 9.31 -13.53
CA GLU D 355 38.85 8.81 -13.68
C GLU D 355 39.61 8.93 -12.35
N GLN D 356 39.39 10.02 -11.62
CA GLN D 356 39.99 10.25 -10.31
C GLN D 356 39.44 9.22 -9.32
N ALA D 357 38.10 9.05 -9.28
CA ALA D 357 37.43 8.08 -8.40
C ALA D 357 37.94 6.64 -8.66
N LEU D 358 38.21 6.30 -9.93
CA LEU D 358 38.73 4.99 -10.31
C LEU D 358 40.18 4.75 -9.83
N GLN D 359 40.92 5.83 -9.49
CA GLN D 359 42.32 5.72 -9.01
C GLN D 359 42.38 5.69 -7.47
N HIS D 360 41.22 5.79 -6.77
CA HIS D 360 41.16 5.72 -5.31
C HIS D 360 41.61 4.33 -4.80
N PRO D 361 42.31 4.25 -3.63
CA PRO D 361 42.73 2.92 -3.11
C PRO D 361 41.59 1.90 -2.85
N PHE D 362 40.31 2.30 -2.97
CA PHE D 362 39.16 1.39 -2.83
C PHE D 362 39.11 0.43 -4.04
N PHE D 363 39.59 0.88 -5.23
CA PHE D 363 39.59 0.08 -6.48
C PHE D 363 40.96 -0.52 -6.82
N GLU D 364 42.03 -0.10 -6.11
CA GLU D 364 43.43 -0.53 -6.28
C GLU D 364 43.51 -2.05 -6.50
N ARG D 365 42.81 -2.82 -5.62
CA ARG D 365 42.69 -4.28 -5.67
C ARG D 365 41.42 -4.69 -4.91
C4 B49 E . -17.43 3.30 -19.57
C5 B49 E . -16.05 -6.12 -22.04
C6 B49 E . -16.71 -5.19 -22.77
C7 B49 E . -15.75 -4.54 -20.08
C13 B49 E . -16.05 0.39 -17.60
C15 B49 E . -15.59 -5.80 -20.67
C17 B49 E . -16.40 -3.54 -20.85
C20 B49 E . -16.67 -2.19 -20.54
C21 B49 E . -17.32 -1.66 -21.72
C22 B49 E . -15.98 2.84 -16.77
C3 B49 E . -15.41 -0.53 -16.56
C12 B49 E . -16.31 -1.61 -19.31
C14 B49 E . -16.95 2.02 -18.98
C16 B49 E . -16.89 -3.79 -22.20
C18 B49 E . -16.49 -0.12 -18.87
C19 B49 E . -16.29 1.77 -17.69
N23 B49 E . -17.03 0.87 -19.59
N24 B49 E . -17.47 -2.59 -22.74
N25 B49 E . -15.11 2.51 -15.82
O27 B49 E . -17.73 -0.56 -21.80
O28 B49 E . -16.41 3.96 -16.86
F29 B49 E . -15.03 -6.72 -20.02
C37 B49 E . -14.65 3.39 -14.84
C38 B49 E . -13.56 4.17 -15.55
N4 B49 E . -12.20 4.40 -14.91
C39 B49 E . -11.67 5.75 -15.47
C40 B49 E . -11.26 3.07 -14.64
C41 B49 E . -10.04 2.54 -15.44
C42 B49 E . -12.52 6.77 -16.38
C4 B49 F . -11.90 13.84 15.61
C5 B49 F . -4.12 19.33 18.26
C6 B49 F . -5.39 19.45 18.70
C7 B49 F . -4.73 17.47 16.63
C13 B49 F . -8.44 13.96 14.21
C15 B49 F . -3.73 18.35 17.21
C17 B49 F . -6.09 17.55 17.10
C20 B49 F . -7.24 16.83 16.74
C21 B49 F . -8.29 17.31 17.57
C22 B49 F . -10.29 12.29 13.48
C3 B49 F . -7.12 13.78 13.46
C12 B49 F . -7.27 15.85 15.73
C14 B49 F . -10.51 14.05 15.24
C16 B49 F . -6.46 18.49 18.13
C18 B49 F . -8.51 14.96 15.25
C19 B49 F . -9.72 13.39 14.22
N23 B49 F . -9.76 14.95 15.78
N24 B49 F . -7.91 18.35 18.46
N25 B49 F . -9.36 11.57 13.00
O27 B49 F . -9.41 16.91 17.50
O28 B49 F . -11.42 11.97 13.36
F29 B49 F . -2.48 18.35 16.83
C37 B49 F . -9.62 10.46 12.29
C38 B49 F . -9.47 9.14 13.08
N4 B49 F . -9.13 7.87 12.29
C39 B49 F . -8.09 7.01 13.14
C40 B49 F . -9.03 8.01 10.64
C41 B49 F . -9.79 8.93 9.66
C42 B49 F . -6.77 7.54 13.77
C4 B49 G . 14.94 -8.19 20.06
C5 B49 G . 6.55 -10.67 24.80
C6 B49 G . 7.81 -10.79 25.27
C7 B49 G . 7.40 -9.98 22.44
C13 B49 G . 11.40 -8.59 18.78
C15 B49 G . 6.32 -10.26 23.35
C17 B49 G . 8.71 -10.10 22.94
C20 B49 G . 9.96 -9.82 22.31
C21 B49 G . 10.94 -10.07 23.35
C22 B49 G . 13.34 -7.68 17.23
C3 B49 G . 10.08 -8.64 17.94
C12 B49 G . 10.12 -9.42 21.01
C14 B49 G . 13.54 -8.41 19.76
C16 B49 G . 8.97 -10.48 24.33
C18 B49 G . 11.44 -9.00 20.18
C19 B49 G . 12.75 -8.19 18.51
N23 B49 G . 12.74 -8.89 20.66
N24 B49 G . 10.38 -10.50 24.59
N25 B49 G . 12.45 -7.19 16.43
O27 B49 G . 12.09 -9.97 23.16
O28 B49 G . 14.49 -7.72 16.95
F29 B49 G . 5.11 -10.17 23.00
C37 B49 G . 12.59 -6.66 15.17
C38 B49 G . 13.79 -5.71 14.85
N4 B49 G . 14.86 -6.17 13.82
C39 B49 G . 16.06 -5.15 13.81
C40 B49 G . 14.32 -6.81 12.39
C41 B49 G . 12.99 -7.53 12.02
C42 B49 G . 16.05 -3.60 14.21
C4 B49 H . 14.71 -9.39 -15.29
C5 B49 H . 15.83 -1.21 -20.57
C6 B49 H . 16.39 -2.47 -20.82
C7 B49 H . 14.61 -2.02 -18.53
C13 B49 H . 13.31 -5.92 -14.78
C15 B49 H . 14.93 -0.96 -19.41
C17 B49 H . 15.22 -3.35 -18.77
C20 B49 H . 15.11 -4.55 -18.00
C21 B49 H . 15.96 -5.52 -18.69
C22 B49 H . 12.67 -7.91 -13.24
C3 B49 H . 12.56 -4.68 -14.33
C12 B49 H . 14.31 -4.61 -16.81
C14 B49 H . 14.28 -7.97 -15.26
C16 B49 H . 16.10 -3.61 -19.87
C18 B49 H . 14.13 -5.89 -15.91
C19 B49 H . 13.38 -7.26 -14.35
N23 B49 H . 14.70 -7.12 -16.12
N24 B49 H . 16.58 -4.98 -19.84
N25 B49 H . 12.36 -7.10 -12.26
O27 B49 H . 16.14 -6.66 -18.34
O28 B49 H . 12.34 -9.07 -13.23
F29 B49 H . 14.44 0.23 -19.28
C37 B49 H . 11.70 -7.47 -11.11
C38 B49 H . 10.28 -7.99 -11.37
N4 B49 H . 9.15 -7.34 -10.60
C39 B49 H . 8.07 -6.80 -11.62
C40 B49 H . 9.60 -6.55 -9.24
C41 B49 H . 10.34 -7.14 -8.02
C42 B49 H . 6.78 -7.55 -12.08
#